data_5TNH
#
_entry.id   5TNH
#
_cell.length_a   168.132
_cell.length_b   84.083
_cell.length_c   89.564
_cell.angle_alpha   90.00
_cell.angle_beta   100.28
_cell.angle_gamma   90.00
#
_symmetry.space_group_name_H-M   'C 1 2 1'
#
loop_
_entity.id
_entity.type
_entity.pdbx_description
1 polymer 'CFTR inhibitory factor'
2 non-polymer '(5Z,8Z,11Z,14Z,17R,18R)-17,18-dihydroxyicosa-5,8,11,14-tetraenoic acid'
3 water water
#
_entity_poly.entity_id   1
_entity_poly.type   'polypeptide(L)'
_entity_poly.pdbx_seq_one_letter_code
;AEEFPVPNGFESAYREVDGVKLHYVKGGQGPLVMLVHGFGQTWYEWHQLMPELAKRFTVIAPDLPGLGQSEPPKTGYSGE
QVAVYLHKLARQFSPDRPFDLVAHDIGIWNTYPMVVKNQADIARLVYMQAPIPDARIYRFPAFTAQGESLVWHFSFFAAD
DRLAETLIAGKERFFLEHFIKSHASNTEVFSERLLDLYARSYAKPHSLNASFEYYRALNESVRQNAELAKTRLQMPTMTL
AGGGHGGMGTFQLEQMKAYAEDVEGHVLPGCGHWLPEECAAPMNRLVIDFLSRGRHHHHHH
;
_entity_poly.pdbx_strand_id   C,D,A,B
#
# COMPACT_ATOMS: atom_id res chain seq x y z
N ALA A 1 -20.13 -17.94 19.82
CA ALA A 1 -19.87 -17.96 18.38
C ALA A 1 -19.52 -16.56 17.83
N GLU A 2 -18.27 -16.12 18.02
CA GLU A 2 -17.89 -14.74 17.77
C GLU A 2 -16.95 -14.62 16.58
N GLU A 3 -17.33 -13.75 15.64
CA GLU A 3 -16.46 -13.46 14.51
C GLU A 3 -15.22 -12.68 14.93
N PHE A 4 -15.28 -11.93 16.02
CA PHE A 4 -14.18 -11.09 16.48
C PHE A 4 -14.06 -11.14 18.01
N PRO A 5 -12.86 -10.99 18.54
CA PRO A 5 -12.65 -11.03 20.00
C PRO A 5 -13.32 -9.84 20.71
N VAL A 6 -14.19 -10.15 21.66
CA VAL A 6 -14.85 -9.12 22.47
C VAL A 6 -13.85 -8.60 23.50
N PRO A 7 -13.71 -7.28 23.65
CA PRO A 7 -12.79 -6.76 24.66
C PRO A 7 -13.26 -7.11 26.06
N ASN A 8 -12.32 -7.07 27.00
CA ASN A 8 -12.60 -7.46 28.38
C ASN A 8 -13.63 -6.53 29.00
N GLY A 9 -14.63 -7.11 29.67
CA GLY A 9 -15.69 -6.33 30.26
C GLY A 9 -16.81 -5.91 29.33
N PHE A 10 -16.80 -6.41 28.09
CA PHE A 10 -17.89 -6.19 27.14
C PHE A 10 -18.61 -7.51 26.87
N GLU A 11 -19.83 -7.39 26.33
CA GLU A 11 -20.69 -8.53 26.07
C GLU A 11 -21.18 -8.46 24.63
N SER A 12 -21.09 -9.58 23.92
CA SER A 12 -21.69 -9.72 22.61
C SER A 12 -23.12 -10.23 22.79
N ALA A 13 -24.08 -9.53 22.21
CA ALA A 13 -25.48 -9.89 22.40
C ALA A 13 -26.28 -9.52 21.15
N TYR A 14 -27.57 -9.81 21.19
CA TYR A 14 -28.47 -9.60 20.06
C TYR A 14 -29.75 -8.96 20.55
N ARG A 15 -30.31 -8.08 19.71
CA ARG A 15 -31.59 -7.45 19.99
C ARG A 15 -32.43 -7.49 18.73
N GLU A 16 -33.62 -8.09 18.83
CA GLU A 16 -34.61 -8.06 17.77
C GLU A 16 -35.20 -6.66 17.68
N VAL A 17 -35.12 -6.04 16.50
CA VAL A 17 -35.69 -4.72 16.24
C VAL A 17 -36.45 -4.81 14.91
N ASP A 18 -37.77 -4.66 14.96
CA ASP A 18 -38.63 -4.68 13.77
C ASP A 18 -38.46 -5.95 12.96
N GLY A 19 -38.44 -7.08 13.67
CA GLY A 19 -38.23 -8.37 13.04
C GLY A 19 -36.80 -8.70 12.65
N VAL A 20 -35.84 -7.83 12.95
CA VAL A 20 -34.46 -7.99 12.52
C VAL A 20 -33.58 -8.15 13.75
N LYS A 21 -32.78 -9.22 13.77
CA LYS A 21 -31.89 -9.47 14.90
C LYS A 21 -30.57 -8.78 14.63
N LEU A 22 -30.28 -7.73 15.42
CA LEU A 22 -29.05 -6.97 15.31
C LEU A 22 -28.03 -7.49 16.33
N HIS A 23 -26.81 -7.73 15.88
CA HIS A 23 -25.71 -8.06 16.79
C HIS A 23 -25.12 -6.76 17.32
N TYR A 24 -24.64 -6.79 18.56
CA TYR A 24 -23.97 -5.61 19.08
C TYR A 24 -23.00 -6.02 20.17
N VAL A 25 -22.01 -5.17 20.43
CA VAL A 25 -21.10 -5.34 21.55
C VAL A 25 -21.32 -4.16 22.48
N LYS A 26 -21.35 -4.42 23.78
CA LYS A 26 -21.77 -3.43 24.76
C LYS A 26 -20.95 -3.55 26.03
N GLY A 27 -20.61 -2.41 26.61
CA GLY A 27 -19.98 -2.39 27.92
C GLY A 27 -19.95 -0.99 28.47
N GLY A 28 -19.53 -0.89 29.71
CA GLY A 28 -19.42 0.40 30.34
C GLY A 28 -20.69 0.83 31.05
N GLN A 29 -20.63 2.04 31.58
CA GLN A 29 -21.71 2.63 32.36
C GLN A 29 -21.77 4.12 32.08
N GLY A 30 -22.97 4.68 32.24
CA GLY A 30 -23.18 6.10 32.07
C GLY A 30 -24.02 6.37 30.85
N PRO A 31 -24.00 7.61 30.37
CA PRO A 31 -24.74 7.96 29.14
C PRO A 31 -24.28 7.14 27.95
N LEU A 32 -25.24 6.80 27.08
CA LEU A 32 -24.98 5.90 25.97
C LEU A 32 -24.29 6.61 24.82
N VAL A 33 -23.32 5.92 24.21
CA VAL A 33 -22.73 6.36 22.95
C VAL A 33 -22.77 5.17 21.99
N MET A 34 -23.28 5.40 20.79
CA MET A 34 -23.38 4.36 19.77
C MET A 34 -22.35 4.61 18.68
N LEU A 35 -21.66 3.54 18.29
CA LEU A 35 -20.58 3.57 17.32
C LEU A 35 -21.00 2.70 16.15
N VAL A 36 -21.05 3.28 14.95
CA VAL A 36 -21.57 2.59 13.78
C VAL A 36 -20.46 2.48 12.75
N HIS A 37 -20.07 1.24 12.45
CA HIS A 37 -19.00 0.96 11.51
C HIS A 37 -19.43 1.24 10.06
N GLY A 38 -18.49 1.03 9.13
CA GLY A 38 -18.74 1.23 7.71
C GLY A 38 -18.45 0.02 6.83
N PHE A 39 -18.32 0.24 5.53
CA PHE A 39 -18.14 -0.87 4.61
C PHE A 39 -16.80 -1.56 4.82
N GLY A 40 -16.78 -2.87 4.54
CA GLY A 40 -15.60 -3.69 4.68
C GLY A 40 -15.29 -4.13 6.10
N GLN A 41 -15.98 -3.58 7.10
CA GLN A 41 -15.65 -3.88 8.49
C GLN A 41 -16.90 -4.19 9.31
N THR A 42 -16.74 -4.28 10.62
CA THR A 42 -17.83 -4.60 11.55
C THR A 42 -17.66 -3.72 12.79
N TRP A 43 -18.37 -4.09 13.87
CA TRP A 43 -18.18 -3.40 15.16
C TRP A 43 -16.72 -3.40 15.59
N TYR A 44 -15.96 -4.42 15.18
CA TYR A 44 -14.60 -4.62 15.67
C TYR A 44 -13.67 -3.46 15.34
N GLU A 45 -14.03 -2.62 14.36
CA GLU A 45 -13.16 -1.48 14.07
C GLU A 45 -13.06 -0.53 15.25
N TRP A 46 -14.01 -0.60 16.18
CA TRP A 46 -14.07 0.27 17.35
C TRP A 46 -13.43 -0.35 18.58
N HIS A 47 -12.86 -1.56 18.46
CA HIS A 47 -12.50 -2.33 19.66
C HIS A 47 -11.35 -1.70 20.45
N GLN A 48 -10.60 -0.79 19.84
CA GLN A 48 -9.58 -0.05 20.58
C GLN A 48 -10.15 1.18 21.26
N LEU A 49 -11.10 1.87 20.64
CA LEU A 49 -11.74 3.02 21.26
C LEU A 49 -12.70 2.63 22.38
N MET A 50 -13.35 1.46 22.27
CA MET A 50 -14.43 1.13 23.20
C MET A 50 -13.96 1.03 24.66
N PRO A 51 -12.85 0.35 25.00
CA PRO A 51 -12.43 0.31 26.42
C PRO A 51 -12.15 1.68 26.99
N GLU A 52 -11.73 2.63 26.17
CA GLU A 52 -11.46 3.97 26.65
C GLU A 52 -12.76 4.73 26.90
N LEU A 53 -13.69 4.67 25.94
CA LEU A 53 -14.98 5.34 26.11
C LEU A 53 -15.79 4.74 27.25
N ALA A 54 -15.65 3.42 27.47
CA ALA A 54 -16.45 2.77 28.49
C ALA A 54 -16.13 3.27 29.88
N LYS A 55 -14.95 3.86 30.10
CA LYS A 55 -14.61 4.38 31.42
C LYS A 55 -15.61 5.45 31.88
N ARG A 56 -16.29 6.11 30.95
CA ARG A 56 -17.25 7.16 31.29
C ARG A 56 -18.60 7.00 30.60
N PHE A 57 -18.76 6.03 29.70
CA PHE A 57 -19.97 5.91 28.90
C PHE A 57 -20.43 4.46 28.87
N THR A 58 -21.73 4.27 28.67
CA THR A 58 -22.26 3.02 28.14
C THR A 58 -22.04 3.02 26.64
N VAL A 59 -21.28 2.04 26.13
CA VAL A 59 -20.89 2.00 24.72
C VAL A 59 -21.61 0.84 24.06
N ILE A 60 -22.25 1.09 22.92
CA ILE A 60 -22.84 0.03 22.11
C ILE A 60 -22.36 0.17 20.68
N ALA A 61 -21.94 -0.96 20.10
CA ALA A 61 -21.37 -1.00 18.76
C ALA A 61 -22.07 -2.12 18.02
N PRO A 62 -23.10 -1.81 17.23
CA PRO A 62 -23.81 -2.85 16.49
C PRO A 62 -23.16 -3.15 15.15
N ASP A 63 -23.40 -4.35 14.66
CA ASP A 63 -23.15 -4.66 13.25
C ASP A 63 -24.34 -4.17 12.42
N LEU A 64 -24.03 -3.46 11.33
CA LEU A 64 -25.08 -3.01 10.40
C LEU A 64 -25.89 -4.20 9.86
N PRO A 65 -27.17 -4.01 9.58
CA PRO A 65 -27.99 -5.11 9.04
C PRO A 65 -27.34 -5.78 7.84
N GLY A 66 -27.29 -7.11 7.90
CA GLY A 66 -26.67 -7.93 6.88
C GLY A 66 -25.17 -8.13 7.08
N LEU A 67 -24.53 -7.19 7.74
CA LEU A 67 -23.09 -7.25 7.94
C LEU A 67 -22.76 -7.84 9.31
N GLY A 68 -21.55 -8.36 9.42
CA GLY A 68 -21.13 -8.95 10.69
C GLY A 68 -22.05 -10.10 11.05
N GLN A 69 -22.58 -10.05 12.26
CA GLN A 69 -23.49 -11.09 12.74
C GLN A 69 -24.94 -10.62 12.79
N SER A 70 -25.27 -9.50 12.14
CA SER A 70 -26.61 -8.92 12.16
C SER A 70 -27.42 -9.39 10.95
N GLU A 71 -28.71 -9.64 11.16
CA GLU A 71 -29.60 -10.08 10.09
C GLU A 71 -29.82 -8.95 9.08
N PRO A 72 -30.07 -9.27 7.81
CA PRO A 72 -30.36 -8.22 6.81
C PRO A 72 -31.63 -7.48 7.13
N PRO A 73 -31.81 -6.28 6.60
CA PRO A 73 -33.02 -5.52 6.90
C PRO A 73 -34.21 -6.12 6.16
N LYS A 74 -35.36 -6.05 6.80
CA LYS A 74 -36.56 -6.53 6.13
C LYS A 74 -37.23 -5.45 5.27
N THR A 75 -37.00 -4.17 5.55
CA THR A 75 -37.55 -3.12 4.71
C THR A 75 -36.68 -2.84 3.49
N GLY A 76 -35.43 -2.43 3.70
CA GLY A 76 -34.53 -2.16 2.61
C GLY A 76 -33.23 -1.55 3.14
N TYR A 77 -32.40 -1.08 2.21
CA TYR A 77 -31.05 -0.64 2.54
C TYR A 77 -30.81 0.85 2.35
N SER A 78 -31.86 1.61 2.03
CA SER A 78 -31.70 3.06 1.95
C SER A 78 -31.41 3.64 3.34
N GLY A 79 -30.80 4.83 3.35
CA GLY A 79 -30.42 5.44 4.62
C GLY A 79 -31.57 5.56 5.59
N GLU A 80 -32.76 5.88 5.09
CA GLU A 80 -33.90 6.12 5.97
C GLU A 80 -34.49 4.81 6.50
N GLN A 81 -34.42 3.73 5.72
CA GLN A 81 -34.89 2.44 6.21
C GLN A 81 -33.92 1.86 7.26
N VAL A 82 -32.61 1.93 7.01
CA VAL A 82 -31.66 1.37 7.96
C VAL A 82 -31.62 2.20 9.24
N ALA A 83 -31.73 3.52 9.11
CA ALA A 83 -31.65 4.40 10.28
C ALA A 83 -32.74 4.11 11.31
N VAL A 84 -33.91 3.64 10.87
CA VAL A 84 -34.95 3.24 11.82
C VAL A 84 -34.43 2.16 12.75
N TYR A 85 -33.75 1.15 12.19
CA TYR A 85 -33.25 0.06 13.02
C TYR A 85 -32.28 0.57 14.07
N LEU A 86 -31.39 1.49 13.68
CA LEU A 86 -30.35 1.94 14.61
C LEU A 86 -30.91 2.89 15.66
N HIS A 87 -31.81 3.79 15.28
CA HIS A 87 -32.51 4.61 16.27
C HIS A 87 -33.23 3.73 17.29
N LYS A 88 -33.99 2.75 16.82
CA LYS A 88 -34.75 1.92 17.76
C LYS A 88 -33.82 1.15 18.69
N LEU A 89 -32.75 0.55 18.16
CA LEU A 89 -31.80 -0.15 19.04
C LEU A 89 -31.28 0.79 20.12
N ALA A 90 -30.75 1.96 19.73
CA ALA A 90 -30.19 2.89 20.70
C ALA A 90 -31.21 3.28 21.75
N ARG A 91 -32.45 3.53 21.32
CA ARG A 91 -33.48 4.00 22.26
C ARG A 91 -33.96 2.90 23.19
N GLN A 92 -33.78 1.62 22.83
CA GLN A 92 -34.01 0.56 23.81
C GLN A 92 -33.07 0.69 24.99
N PHE A 93 -31.83 1.13 24.76
CA PHE A 93 -30.86 1.28 25.83
C PHE A 93 -30.83 2.68 26.43
N SER A 94 -31.36 3.67 25.72
CA SER A 94 -31.42 5.06 26.20
C SER A 94 -32.79 5.64 25.87
N PRO A 95 -33.85 5.15 26.51
CA PRO A 95 -35.20 5.63 26.17
C PRO A 95 -35.51 6.99 26.79
N ASP A 96 -34.80 7.38 27.86
CA ASP A 96 -35.15 8.56 28.63
C ASP A 96 -34.17 9.71 28.47
N ARG A 97 -33.09 9.54 27.70
CA ARG A 97 -32.02 10.51 27.58
C ARG A 97 -31.51 10.55 26.15
N PRO A 98 -31.01 11.69 25.68
CA PRO A 98 -30.29 11.72 24.42
C PRO A 98 -29.07 10.82 24.49
N PHE A 99 -28.57 10.40 23.33
CA PHE A 99 -27.33 9.64 23.27
C PHE A 99 -26.38 10.28 22.28
N ASP A 100 -25.12 9.86 22.34
CA ASP A 100 -24.09 10.30 21.42
C ASP A 100 -23.98 9.31 20.26
N LEU A 101 -23.54 9.82 19.12
CA LEU A 101 -23.39 9.00 17.93
C LEU A 101 -22.02 9.24 17.32
N VAL A 102 -21.32 8.15 17.00
CA VAL A 102 -20.10 8.15 16.21
C VAL A 102 -20.35 7.22 15.03
N ALA A 103 -20.13 7.70 13.80
CA ALA A 103 -20.31 6.89 12.62
C ALA A 103 -19.12 7.05 11.67
N HIS A 104 -18.81 5.97 10.96
CA HIS A 104 -17.70 5.91 10.01
C HIS A 104 -18.23 5.43 8.66
N ASP A 105 -17.82 6.08 7.58
CA ASP A 105 -18.10 5.59 6.22
C ASP A 105 -19.62 5.47 6.06
N ILE A 106 -20.16 4.33 5.61
CA ILE A 106 -21.60 4.22 5.39
C ILE A 106 -22.38 4.17 6.70
N GLY A 107 -21.72 4.08 7.84
CA GLY A 107 -22.41 4.37 9.09
C GLY A 107 -23.08 5.74 9.07
N ILE A 108 -22.47 6.70 8.37
CA ILE A 108 -23.05 8.04 8.24
C ILE A 108 -24.33 7.98 7.42
N TRP A 109 -24.30 7.26 6.30
CA TRP A 109 -25.48 7.13 5.43
C TRP A 109 -26.67 6.56 6.21
N ASN A 110 -26.40 5.62 7.11
CA ASN A 110 -27.44 4.88 7.78
C ASN A 110 -27.86 5.52 9.10
N THR A 111 -27.24 6.63 9.48
CA THR A 111 -27.63 7.34 10.69
C THR A 111 -28.10 8.77 10.45
N TYR A 112 -27.63 9.42 9.39
CA TYR A 112 -28.03 10.82 9.16
C TYR A 112 -29.55 11.00 9.20
N PRO A 113 -30.37 10.20 8.51
CA PRO A 113 -31.83 10.46 8.57
C PRO A 113 -32.41 10.35 9.97
N MET A 114 -31.94 9.41 10.81
CA MET A 114 -32.52 9.34 12.14
C MET A 114 -32.05 10.50 13.01
N VAL A 115 -30.89 11.08 12.70
CA VAL A 115 -30.40 12.23 13.45
C VAL A 115 -31.24 13.47 13.12
N VAL A 116 -31.57 13.66 11.86
CA VAL A 116 -32.29 14.87 11.49
C VAL A 116 -33.78 14.75 11.85
N LYS A 117 -34.32 13.54 11.85
CA LYS A 117 -35.72 13.35 12.23
C LYS A 117 -35.94 13.29 13.74
N ASN A 118 -34.88 13.09 14.54
CA ASN A 118 -35.03 12.93 15.98
C ASN A 118 -33.93 13.71 16.70
N GLN A 119 -33.84 15.01 16.42
CA GLN A 119 -32.69 15.78 16.86
C GLN A 119 -32.58 15.84 18.39
N ALA A 120 -33.71 15.74 19.10
CA ALA A 120 -33.66 15.75 20.56
C ALA A 120 -33.06 14.48 21.15
N ASP A 121 -32.99 13.39 20.37
CA ASP A 121 -32.41 12.11 20.82
C ASP A 121 -30.90 12.05 20.72
N ILE A 122 -30.26 12.96 19.98
CA ILE A 122 -28.83 12.94 19.71
C ILE A 122 -28.19 14.08 20.50
N ALA A 123 -27.39 13.73 21.52
CA ALA A 123 -26.71 14.78 22.28
C ALA A 123 -25.50 15.33 21.52
N ARG A 124 -24.63 14.44 21.05
CA ARG A 124 -23.45 14.85 20.29
C ARG A 124 -23.21 13.88 19.14
N LEU A 125 -22.57 14.38 18.10
CA LEU A 125 -22.45 13.67 16.82
C LEU A 125 -21.01 13.74 16.33
N VAL A 126 -20.43 12.59 15.99
CA VAL A 126 -19.11 12.54 15.37
C VAL A 126 -19.22 11.74 14.07
N TYR A 127 -18.91 12.39 12.96
CA TYR A 127 -18.94 11.78 11.64
C TYR A 127 -17.53 11.72 11.07
N MET A 128 -17.13 10.58 10.51
CA MET A 128 -15.80 10.51 9.90
C MET A 128 -15.84 9.74 8.59
N GLN A 129 -15.13 10.29 7.60
CA GLN A 129 -14.78 9.62 6.34
C GLN A 129 -16.01 9.09 5.59
N ALA A 130 -16.91 10.00 5.26
CA ALA A 130 -17.88 9.71 4.21
C ALA A 130 -18.62 10.98 3.85
N PRO A 131 -19.03 11.15 2.59
CA PRO A 131 -20.01 12.18 2.29
C PRO A 131 -21.38 11.75 2.79
N ILE A 132 -22.12 12.72 3.34
CA ILE A 132 -23.56 12.52 3.47
C ILE A 132 -24.15 12.38 2.06
N PRO A 133 -24.96 11.35 1.76
CA PRO A 133 -25.43 11.18 0.38
C PRO A 133 -26.23 12.39 -0.10
N ASP A 134 -25.69 13.09 -1.10
CA ASP A 134 -26.41 14.16 -1.79
C ASP A 134 -25.78 14.32 -3.18
N ALA A 135 -26.22 15.37 -3.89
CA ALA A 135 -25.82 15.55 -5.28
C ALA A 135 -24.33 15.80 -5.47
N ARG A 136 -23.60 16.17 -4.41
CA ARG A 136 -22.15 16.33 -4.54
C ARG A 136 -21.47 15.06 -5.03
N ILE A 137 -21.99 13.89 -4.69
CA ILE A 137 -21.28 12.67 -5.04
C ILE A 137 -21.32 12.41 -6.53
N TYR A 138 -22.20 13.09 -7.27
CA TYR A 138 -22.29 12.93 -8.72
C TYR A 138 -21.21 13.73 -9.45
N ARG A 139 -20.35 14.44 -8.72
CA ARG A 139 -19.24 15.15 -9.32
C ARG A 139 -17.87 14.57 -8.97
N PHE A 140 -17.81 13.57 -8.09
CA PHE A 140 -16.57 12.87 -7.82
C PHE A 140 -16.01 12.26 -9.12
N PRO A 141 -14.72 12.42 -9.40
CA PRO A 141 -14.18 11.93 -10.67
C PRO A 141 -14.04 10.43 -10.72
N ALA A 142 -14.25 9.87 -11.92
CA ALA A 142 -13.99 8.45 -12.17
C ALA A 142 -12.49 8.13 -12.17
N PHE A 143 -11.64 9.10 -12.49
CA PHE A 143 -10.26 8.84 -12.82
C PHE A 143 -9.47 10.10 -12.51
N THR A 144 -8.23 9.96 -12.01
CA THR A 144 -7.43 11.10 -11.60
C THR A 144 -6.03 11.02 -12.21
N ALA A 145 -5.33 12.16 -12.15
CA ALA A 145 -3.95 12.25 -12.63
C ALA A 145 -3.00 11.40 -11.79
N GLN A 146 -3.42 11.00 -10.60
CA GLN A 146 -2.62 10.06 -9.79
C GLN A 146 -2.89 8.62 -10.19
N GLY A 147 -4.09 8.34 -10.70
CA GLY A 147 -4.48 6.98 -11.05
C GLY A 147 -5.92 6.70 -10.69
N GLU A 148 -6.21 5.50 -10.23
CA GLU A 148 -7.58 5.15 -9.89
C GLU A 148 -8.09 6.03 -8.76
N SER A 149 -9.34 6.47 -8.88
CA SER A 149 -9.90 7.34 -7.88
C SER A 149 -10.32 6.50 -6.68
N LEU A 150 -10.73 7.15 -5.62
CA LEU A 150 -11.11 6.38 -4.44
C LEU A 150 -12.59 6.03 -4.42
N VAL A 151 -13.35 6.52 -5.39
CA VAL A 151 -14.80 6.51 -5.36
C VAL A 151 -15.40 5.72 -6.50
N TRP A 152 -14.59 5.02 -7.28
CA TRP A 152 -15.14 4.26 -8.39
C TRP A 152 -15.94 3.05 -7.91
N HIS A 153 -15.68 2.59 -6.67
CA HIS A 153 -16.46 1.49 -6.12
C HIS A 153 -17.94 1.83 -5.97
N PHE A 154 -18.31 3.12 -5.89
CA PHE A 154 -19.72 3.48 -5.96
C PHE A 154 -20.41 2.82 -7.15
N SER A 155 -19.84 2.97 -8.36
CA SER A 155 -20.49 2.39 -9.54
C SER A 155 -20.33 0.87 -9.58
N PHE A 156 -19.15 0.38 -9.19
CA PHE A 156 -18.91 -1.07 -9.17
C PHE A 156 -19.92 -1.77 -8.27
N PHE A 157 -20.08 -1.26 -7.05
CA PHE A 157 -20.98 -1.88 -6.07
C PHE A 157 -22.45 -1.68 -6.44
N ALA A 158 -22.78 -0.57 -7.10
CA ALA A 158 -24.16 -0.32 -7.50
C ALA A 158 -24.58 -1.07 -8.77
N ALA A 159 -23.62 -1.57 -9.56
CA ALA A 159 -23.96 -2.15 -10.85
C ALA A 159 -24.93 -3.31 -10.67
N ASP A 160 -25.87 -3.44 -11.61
CA ASP A 160 -26.88 -4.49 -11.46
C ASP A 160 -26.33 -5.81 -12.02
N ASP A 161 -27.22 -6.79 -12.22
CA ASP A 161 -26.83 -8.16 -12.53
C ASP A 161 -25.93 -8.77 -11.47
N ARG A 162 -25.96 -8.25 -10.24
CA ARG A 162 -25.10 -8.74 -9.17
C ARG A 162 -23.64 -8.79 -9.59
N LEU A 163 -23.21 -7.77 -10.34
CA LEU A 163 -21.86 -7.78 -10.90
C LEU A 163 -20.80 -7.98 -9.81
N ALA A 164 -20.91 -7.23 -8.71
CA ALA A 164 -19.86 -7.26 -7.67
C ALA A 164 -19.80 -8.61 -6.97
N GLU A 165 -20.94 -9.15 -6.53
CA GLU A 165 -20.93 -10.47 -5.87
C GLU A 165 -20.45 -11.56 -6.83
N THR A 166 -20.79 -11.43 -8.10
CA THR A 166 -20.37 -12.42 -9.08
C THR A 166 -18.86 -12.37 -9.30
N LEU A 167 -18.28 -11.18 -9.35
CA LEU A 167 -16.84 -11.10 -9.59
C LEU A 167 -16.05 -11.45 -8.35
N ILE A 168 -16.55 -11.11 -7.16
CA ILE A 168 -15.76 -11.17 -5.95
C ILE A 168 -15.87 -12.53 -5.24
N ALA A 169 -16.98 -13.25 -5.42
CA ALA A 169 -17.12 -14.59 -4.85
C ALA A 169 -15.91 -15.47 -5.19
N GLY A 170 -15.42 -16.19 -4.18
CA GLY A 170 -14.18 -16.95 -4.32
C GLY A 170 -12.92 -16.12 -4.23
N LYS A 171 -13.01 -14.77 -4.27
CA LYS A 171 -11.84 -13.91 -4.16
C LYS A 171 -12.03 -12.83 -3.10
N GLU A 172 -12.91 -13.06 -2.13
CA GLU A 172 -13.21 -12.04 -1.13
C GLU A 172 -11.98 -11.65 -0.32
N ARG A 173 -11.10 -12.61 -0.02
CA ARG A 173 -9.93 -12.28 0.79
C ARG A 173 -8.98 -11.39 0.01
N PHE A 174 -8.78 -11.71 -1.28
CA PHE A 174 -7.95 -10.89 -2.16
C PHE A 174 -8.51 -9.48 -2.30
N PHE A 175 -9.82 -9.37 -2.54
CA PHE A 175 -10.40 -8.07 -2.84
C PHE A 175 -10.36 -7.17 -1.63
N LEU A 176 -10.71 -7.70 -0.45
CA LEU A 176 -10.75 -6.87 0.74
C LEU A 176 -9.38 -6.26 1.03
N GLU A 177 -8.31 -7.05 0.89
CA GLU A 177 -6.97 -6.51 1.12
C GLU A 177 -6.65 -5.38 0.15
N HIS A 178 -6.90 -5.62 -1.14
CA HIS A 178 -6.66 -4.56 -2.11
C HIS A 178 -7.50 -3.32 -1.81
N PHE A 179 -8.79 -3.51 -1.54
CA PHE A 179 -9.67 -2.38 -1.31
C PHE A 179 -9.26 -1.60 -0.07
N ILE A 180 -8.97 -2.30 1.02
CA ILE A 180 -8.61 -1.61 2.26
C ILE A 180 -7.29 -0.87 2.09
N LYS A 181 -6.25 -1.57 1.62
CA LYS A 181 -4.93 -0.94 1.53
C LYS A 181 -4.90 0.20 0.52
N SER A 182 -5.63 0.07 -0.60
CA SER A 182 -5.63 1.16 -1.57
C SER A 182 -6.33 2.41 -1.04
N HIS A 183 -7.13 2.27 0.03
CA HIS A 183 -7.73 3.41 0.70
C HIS A 183 -7.01 3.80 1.97
N ALA A 184 -5.79 3.32 2.18
CA ALA A 184 -5.02 3.61 3.37
C ALA A 184 -3.78 4.43 3.05
N SER A 185 -3.34 5.20 4.04
CA SER A 185 -2.01 5.79 4.03
C SER A 185 -1.03 4.96 4.86
N ASN A 186 -1.44 4.55 6.07
CA ASN A 186 -0.64 3.72 6.97
C ASN A 186 -1.11 2.28 6.78
N THR A 187 -0.64 1.66 5.69
CA THR A 187 -1.16 0.35 5.32
C THR A 187 -0.66 -0.76 6.23
N GLU A 188 0.44 -0.55 6.96
CA GLU A 188 1.09 -1.66 7.67
C GLU A 188 0.28 -2.17 8.85
N VAL A 189 -0.74 -1.45 9.30
CA VAL A 189 -1.58 -1.93 10.39
C VAL A 189 -2.53 -3.01 9.92
N PHE A 190 -2.73 -3.16 8.61
CA PHE A 190 -3.58 -4.24 8.13
C PHE A 190 -2.72 -5.49 7.94
N SER A 191 -2.44 -6.12 9.08
CA SER A 191 -1.78 -7.41 9.11
C SER A 191 -2.66 -8.46 8.44
N GLU A 192 -2.00 -9.50 7.93
CA GLU A 192 -2.71 -10.63 7.31
C GLU A 192 -3.72 -11.20 8.29
N ARG A 193 -3.35 -11.29 9.57
CA ARG A 193 -4.25 -11.81 10.59
C ARG A 193 -5.51 -10.97 10.71
N LEU A 194 -5.38 -9.64 10.73
CA LEU A 194 -6.56 -8.80 10.83
C LEU A 194 -7.37 -8.85 9.55
N LEU A 195 -6.69 -8.89 8.40
CA LEU A 195 -7.41 -9.00 7.13
C LEU A 195 -8.19 -10.30 7.06
N ASP A 196 -7.62 -11.39 7.58
CA ASP A 196 -8.34 -12.66 7.63
C ASP A 196 -9.65 -12.52 8.41
N LEU A 197 -9.62 -11.79 9.53
CA LEU A 197 -10.81 -11.64 10.37
C LEU A 197 -11.91 -10.90 9.62
N TYR A 198 -11.61 -9.74 9.06
CA TYR A 198 -12.63 -8.99 8.34
C TYR A 198 -13.11 -9.74 7.10
N ALA A 199 -12.22 -10.45 6.42
CA ALA A 199 -12.61 -11.10 5.18
C ALA A 199 -13.58 -12.25 5.44
N ARG A 200 -13.34 -13.03 6.51
CA ARG A 200 -14.23 -14.14 6.78
C ARG A 200 -15.61 -13.67 7.20
N SER A 201 -15.73 -12.42 7.65
CA SER A 201 -17.04 -11.89 7.98
C SER A 201 -17.76 -11.43 6.72
N TYR A 202 -17.07 -10.59 5.94
N TYR A 202 -17.16 -10.57 5.92
CA TYR A 202 -17.54 -10.02 4.68
CA TYR A 202 -17.96 -10.13 4.79
C TYR A 202 -17.85 -11.06 3.63
C TYR A 202 -18.09 -11.18 3.70
N ALA A 203 -17.30 -12.27 3.75
CA ALA A 203 -17.45 -13.32 2.76
C ALA A 203 -18.67 -14.21 2.97
N LYS A 204 -19.42 -14.06 4.07
CA LYS A 204 -20.70 -14.74 4.17
C LYS A 204 -21.59 -14.26 3.02
N PRO A 205 -22.17 -15.17 2.22
CA PRO A 205 -22.87 -14.73 1.00
C PRO A 205 -23.93 -13.65 1.22
N HIS A 206 -24.75 -13.77 2.26
CA HIS A 206 -25.71 -12.72 2.54
C HIS A 206 -25.02 -11.44 3.04
N SER A 207 -23.81 -11.55 3.59
CA SER A 207 -23.09 -10.34 3.97
C SER A 207 -22.41 -9.69 2.76
N LEU A 208 -21.85 -10.49 1.86
CA LEU A 208 -21.30 -9.90 0.65
C LEU A 208 -22.38 -9.14 -0.12
N ASN A 209 -23.55 -9.76 -0.29
CA ASN A 209 -24.66 -9.09 -0.98
C ASN A 209 -25.15 -7.87 -0.20
N ALA A 210 -25.38 -8.01 1.11
CA ALA A 210 -25.75 -6.85 1.93
C ALA A 210 -24.80 -5.69 1.72
N SER A 211 -23.50 -5.98 1.62
CA SER A 211 -22.50 -4.92 1.47
C SER A 211 -22.79 -4.03 0.27
N PHE A 212 -23.17 -4.64 -0.85
CA PHE A 212 -23.43 -3.87 -2.07
C PHE A 212 -24.83 -3.30 -2.10
N GLU A 213 -25.78 -3.90 -1.37
CA GLU A 213 -27.14 -3.35 -1.38
C GLU A 213 -27.17 -1.92 -0.84
N TYR A 214 -26.23 -1.54 0.05
CA TYR A 214 -26.20 -0.16 0.53
C TYR A 214 -25.87 0.81 -0.59
N TYR A 215 -25.02 0.40 -1.52
CA TYR A 215 -24.66 1.23 -2.66
C TYR A 215 -25.77 1.27 -3.70
N ARG A 216 -26.47 0.15 -3.87
CA ARG A 216 -27.62 0.09 -4.77
C ARG A 216 -28.78 0.94 -4.28
N ALA A 217 -28.83 1.26 -2.99
CA ALA A 217 -29.82 2.19 -2.47
C ALA A 217 -29.30 3.62 -2.37
N LEU A 218 -28.05 3.88 -2.77
CA LEU A 218 -27.46 5.20 -2.60
C LEU A 218 -28.27 6.30 -3.32
N ASN A 219 -28.67 6.07 -4.56
CA ASN A 219 -29.46 7.09 -5.25
C ASN A 219 -30.77 7.37 -4.53
N GLU A 220 -31.44 6.33 -4.01
CA GLU A 220 -32.61 6.57 -3.17
C GLU A 220 -32.26 7.38 -1.94
N SER A 221 -31.15 7.03 -1.28
CA SER A 221 -30.71 7.78 -0.10
C SER A 221 -30.46 9.24 -0.45
N VAL A 222 -29.83 9.49 -1.61
CA VAL A 222 -29.66 10.85 -2.10
C VAL A 222 -31.02 11.56 -2.20
N ARG A 223 -32.01 10.88 -2.76
CA ARG A 223 -33.31 11.52 -2.93
C ARG A 223 -34.02 11.74 -1.60
N GLN A 224 -33.88 10.79 -0.67
CA GLN A 224 -34.44 10.96 0.67
C GLN A 224 -33.84 12.18 1.37
N ASN A 225 -32.51 12.27 1.37
CA ASN A 225 -31.83 13.35 2.07
C ASN A 225 -32.13 14.72 1.47
N ALA A 226 -32.48 14.78 0.18
CA ALA A 226 -32.87 16.03 -0.46
C ALA A 226 -34.05 16.69 0.26
N GLU A 227 -35.03 15.89 0.67
CA GLU A 227 -36.11 16.39 1.53
C GLU A 227 -35.61 16.71 2.93
N LEU A 228 -34.90 15.77 3.57
CA LEU A 228 -34.50 15.94 4.96
C LEU A 228 -33.52 17.10 5.16
N ALA A 229 -32.68 17.38 4.16
CA ALA A 229 -31.65 18.42 4.32
C ALA A 229 -32.23 19.82 4.48
N LYS A 230 -33.53 20.00 4.24
CA LYS A 230 -34.16 21.31 4.47
C LYS A 230 -34.15 21.74 5.93
N THR A 231 -33.64 20.90 6.84
CA THR A 231 -33.52 21.21 8.26
C THR A 231 -32.10 20.92 8.72
N ARG A 232 -31.41 21.95 9.19
CA ARG A 232 -30.01 21.79 9.61
C ARG A 232 -29.90 21.25 11.03
N LEU A 233 -28.87 20.43 11.25
CA LEU A 233 -28.63 19.82 12.56
C LEU A 233 -28.25 20.88 13.58
N GLN A 234 -28.82 20.77 14.77
CA GLN A 234 -28.65 21.78 15.80
C GLN A 234 -27.71 21.37 16.92
N MET A 235 -27.33 20.09 17.01
CA MET A 235 -26.55 19.61 18.14
C MET A 235 -25.05 19.71 17.82
N PRO A 236 -24.18 19.76 18.83
CA PRO A 236 -22.74 19.83 18.56
C PRO A 236 -22.27 18.59 17.79
N THR A 237 -21.56 18.83 16.70
CA THR A 237 -21.03 17.77 15.85
C THR A 237 -19.54 18.00 15.59
N MET A 238 -18.82 16.91 15.32
CA MET A 238 -17.41 16.96 14.97
C MET A 238 -17.20 16.07 13.75
N THR A 239 -16.36 16.51 12.82
CA THR A 239 -15.99 15.68 11.68
C THR A 239 -14.51 15.37 11.73
N LEU A 240 -14.17 14.13 11.35
CA LEU A 240 -12.80 13.69 11.21
C LEU A 240 -12.58 13.18 9.79
N ALA A 241 -11.42 13.47 9.22
CA ALA A 241 -11.09 12.93 7.92
C ALA A 241 -9.59 12.73 7.84
N GLY A 242 -9.17 11.72 7.08
CA GLY A 242 -7.75 11.55 6.82
C GLY A 242 -7.23 12.63 5.90
N GLY A 243 -5.95 12.95 6.06
CA GLY A 243 -5.28 13.91 5.19
C GLY A 243 -4.34 13.23 4.22
N GLY A 244 -4.18 11.91 4.38
CA GLY A 244 -3.27 11.14 3.57
C GLY A 244 -3.98 10.41 2.44
N HIS A 245 -3.25 9.48 1.82
CA HIS A 245 -3.85 8.68 0.75
C HIS A 245 -5.12 7.97 1.25
N GLY A 246 -6.23 8.16 0.53
CA GLY A 246 -7.51 7.63 0.93
C GLY A 246 -8.32 8.55 1.83
N GLY A 247 -7.75 9.66 2.28
CA GLY A 247 -8.51 10.57 3.11
C GLY A 247 -9.37 11.51 2.28
N MET A 248 -10.44 12.00 2.91
CA MET A 248 -11.32 12.96 2.25
C MET A 248 -10.90 14.40 2.48
N GLY A 249 -9.92 14.63 3.34
CA GLY A 249 -9.37 15.96 3.50
C GLY A 249 -10.43 16.95 3.92
N THR A 250 -10.39 18.13 3.30
CA THR A 250 -11.27 19.23 3.70
C THR A 250 -12.73 19.00 3.29
N PHE A 251 -13.03 17.99 2.47
CA PHE A 251 -14.41 17.82 2.00
C PHE A 251 -15.36 17.49 3.15
N GLN A 252 -14.89 16.69 4.11
CA GLN A 252 -15.74 16.25 5.21
C GLN A 252 -16.33 17.43 5.97
N LEU A 253 -15.47 18.34 6.44
CA LEU A 253 -15.95 19.51 7.15
C LEU A 253 -16.73 20.47 6.25
N GLU A 254 -16.25 20.68 5.01
CA GLU A 254 -16.90 21.66 4.14
C GLU A 254 -18.33 21.24 3.80
N GLN A 255 -18.57 19.95 3.51
CA GLN A 255 -19.93 19.50 3.27
C GLN A 255 -20.76 19.57 4.55
N MET A 256 -20.16 19.18 5.68
CA MET A 256 -20.89 19.19 6.95
C MET A 256 -21.34 20.59 7.36
N LYS A 257 -20.60 21.64 6.97
CA LYS A 257 -21.05 22.99 7.30
C LYS A 257 -22.34 23.37 6.60
N ALA A 258 -22.69 22.70 5.50
CA ALA A 258 -23.98 22.94 4.86
C ALA A 258 -25.11 22.24 5.61
N TYR A 259 -24.79 21.26 6.45
CA TYR A 259 -25.80 20.50 7.17
C TYR A 259 -25.91 20.86 8.65
N ALA A 260 -24.85 21.38 9.27
CA ALA A 260 -24.81 21.53 10.72
C ALA A 260 -24.51 22.96 11.10
N GLU A 261 -25.16 23.45 12.15
CA GLU A 261 -24.91 24.80 12.65
C GLU A 261 -23.65 24.87 13.48
N ASP A 262 -23.38 23.84 14.27
CA ASP A 262 -22.34 23.84 15.30
C ASP A 262 -21.41 22.67 14.97
N VAL A 263 -20.31 22.94 14.28
CA VAL A 263 -19.48 21.87 13.74
C VAL A 263 -18.02 22.29 13.76
N GLU A 264 -17.18 21.44 14.34
CA GLU A 264 -15.74 21.54 14.25
C GLU A 264 -15.21 20.35 13.47
N GLY A 265 -14.14 20.55 12.71
CA GLY A 265 -13.58 19.50 11.88
C GLY A 265 -12.09 19.38 12.07
N HIS A 266 -11.59 18.14 11.93
CA HIS A 266 -10.17 17.87 11.96
C HIS A 266 -9.75 17.00 10.78
N VAL A 267 -8.63 17.36 10.17
CA VAL A 267 -7.97 16.54 9.15
C VAL A 267 -6.70 15.98 9.78
N LEU A 268 -6.54 14.65 9.73
CA LEU A 268 -5.42 14.01 10.42
C LEU A 268 -4.35 13.65 9.39
N PRO A 269 -3.16 14.26 9.45
CA PRO A 269 -2.13 13.98 8.45
C PRO A 269 -1.61 12.56 8.56
N GLY A 270 -1.13 12.02 7.44
CA GLY A 270 -0.60 10.67 7.43
C GLY A 270 -1.61 9.57 7.64
N CYS A 271 -2.90 9.87 7.53
CA CYS A 271 -3.96 8.91 7.74
C CYS A 271 -4.88 8.93 6.53
N GLY A 272 -5.31 7.74 6.11
CA GLY A 272 -6.25 7.62 5.00
C GLY A 272 -7.67 7.39 5.48
N HIS A 273 -8.31 6.33 4.96
CA HIS A 273 -9.72 6.10 5.25
C HIS A 273 -9.95 5.50 6.65
N TRP A 274 -9.09 4.58 7.09
CA TRP A 274 -9.43 3.72 8.23
C TRP A 274 -8.86 4.33 9.52
N LEU A 275 -9.45 5.47 9.91
CA LEU A 275 -8.91 6.25 11.04
C LEU A 275 -8.77 5.45 12.32
N PRO A 276 -9.77 4.68 12.77
CA PRO A 276 -9.60 3.95 14.04
C PRO A 276 -8.39 3.04 14.07
N GLU A 277 -7.97 2.51 12.92
CA GLU A 277 -6.82 1.61 12.84
C GLU A 277 -5.55 2.33 12.43
N GLU A 278 -5.61 3.18 11.41
CA GLU A 278 -4.40 3.83 10.91
C GLU A 278 -3.85 4.82 11.91
N CYS A 279 -4.72 5.50 12.67
CA CYS A 279 -4.33 6.62 13.51
C CYS A 279 -5.13 6.57 14.82
N ALA A 280 -4.98 5.46 15.55
CA ALA A 280 -5.81 5.22 16.73
C ALA A 280 -5.56 6.27 17.81
N ALA A 281 -4.30 6.57 18.13
CA ALA A 281 -4.04 7.48 19.23
C ALA A 281 -4.63 8.87 18.98
N PRO A 282 -4.30 9.59 17.90
CA PRO A 282 -4.96 10.89 17.68
C PRO A 282 -6.47 10.80 17.53
N MET A 283 -6.98 9.80 16.81
CA MET A 283 -8.43 9.72 16.60
C MET A 283 -9.17 9.47 17.91
N ASN A 284 -8.73 8.47 18.69
CA ASN A 284 -9.38 8.19 19.97
C ASN A 284 -9.37 9.41 20.88
N ARG A 285 -8.20 10.07 20.98
CA ARG A 285 -8.11 11.29 21.78
C ARG A 285 -9.13 12.33 21.33
N LEU A 286 -9.24 12.54 20.02
CA LEU A 286 -10.17 13.54 19.50
C LEU A 286 -11.61 13.19 19.85
N VAL A 287 -12.00 11.92 19.68
CA VAL A 287 -13.37 11.49 19.97
C VAL A 287 -13.66 11.56 21.46
N ILE A 288 -12.72 11.14 22.30
CA ILE A 288 -12.94 11.14 23.74
C ILE A 288 -13.07 12.57 24.26
N ASP A 289 -12.17 13.46 23.84
CA ASP A 289 -12.26 14.86 24.26
C ASP A 289 -13.57 15.49 23.81
N PHE A 290 -13.97 15.25 22.55
CA PHE A 290 -15.18 15.87 22.05
C PHE A 290 -16.40 15.42 22.86
N LEU A 291 -16.53 14.11 23.11
CA LEU A 291 -17.70 13.57 23.78
C LEU A 291 -17.73 13.91 25.26
N SER A 292 -16.58 14.15 25.89
CA SER A 292 -16.55 14.44 27.31
C SER A 292 -16.76 15.92 27.63
N ARG A 293 -16.97 16.76 26.63
CA ARG A 293 -17.11 18.19 26.87
C ARG A 293 -18.42 18.53 27.59
N ALA B 1 -6.49 -22.40 -37.11
CA ALA B 1 -7.15 -21.80 -35.97
C ALA B 1 -7.28 -20.28 -36.14
N GLU B 2 -8.51 -19.83 -36.34
CA GLU B 2 -8.85 -18.40 -36.37
C GLU B 2 -9.87 -18.13 -35.28
N GLU B 3 -9.68 -17.01 -34.57
CA GLU B 3 -10.63 -16.66 -33.51
C GLU B 3 -11.94 -16.13 -34.07
N PHE B 4 -11.94 -15.58 -35.26
CA PHE B 4 -13.12 -14.96 -35.85
C PHE B 4 -13.19 -15.31 -37.33
N PRO B 5 -14.40 -15.36 -37.91
CA PRO B 5 -14.53 -15.71 -39.34
C PRO B 5 -14.03 -14.58 -40.24
N VAL B 6 -13.20 -14.96 -41.21
CA VAL B 6 -12.66 -14.02 -42.19
C VAL B 6 -13.68 -13.85 -43.32
N PRO B 7 -14.02 -12.61 -43.69
CA PRO B 7 -14.90 -12.41 -44.85
C PRO B 7 -14.26 -12.87 -46.15
N ASN B 8 -15.12 -13.30 -47.08
CA ASN B 8 -14.70 -13.70 -48.43
C ASN B 8 -13.77 -12.66 -49.04
N GLY B 9 -12.75 -13.14 -49.74
CA GLY B 9 -11.80 -12.26 -50.40
C GLY B 9 -10.77 -11.63 -49.49
N PHE B 10 -10.85 -11.85 -48.19
CA PHE B 10 -9.88 -11.30 -47.25
C PHE B 10 -8.92 -12.39 -46.78
N GLU B 11 -7.77 -11.95 -46.26
CA GLU B 11 -6.71 -12.83 -45.82
C GLU B 11 -6.30 -12.50 -44.39
N SER B 12 -6.20 -13.53 -43.56
CA SER B 12 -5.62 -13.40 -42.22
C SER B 12 -4.13 -13.67 -42.32
N ALA B 13 -3.32 -12.72 -41.84
CA ALA B 13 -1.88 -12.82 -41.98
C ALA B 13 -1.20 -12.19 -40.77
N TYR B 14 0.12 -12.34 -40.74
CA TYR B 14 0.96 -11.87 -39.65
C TYR B 14 2.18 -11.15 -40.20
N ARG B 15 2.66 -10.19 -39.43
CA ARG B 15 3.80 -9.38 -39.86
C ARG B 15 4.60 -9.01 -38.62
N GLU B 16 5.93 -9.14 -38.70
CA GLU B 16 6.82 -8.74 -37.62
C GLU B 16 7.07 -7.25 -37.67
N VAL B 17 6.83 -6.55 -36.57
CA VAL B 17 7.08 -5.13 -36.46
C VAL B 17 7.85 -4.90 -35.17
N ASP B 18 9.11 -4.47 -35.28
CA ASP B 18 9.97 -4.21 -34.13
C ASP B 18 10.03 -5.40 -33.17
N GLY B 19 10.16 -6.61 -33.73
CA GLY B 19 10.23 -7.81 -32.92
C GLY B 19 8.88 -8.38 -32.49
N VAL B 20 7.77 -7.72 -32.80
CA VAL B 20 6.45 -8.11 -32.32
C VAL B 20 5.63 -8.61 -33.50
N LYS B 21 5.08 -9.82 -33.38
CA LYS B 21 4.30 -10.45 -34.45
C LYS B 21 2.85 -9.95 -34.39
N LEU B 22 2.46 -9.17 -35.38
CA LEU B 22 1.12 -8.58 -35.38
C LEU B 22 0.22 -9.35 -36.33
N HIS B 23 -1.00 -9.63 -35.87
CA HIS B 23 -2.02 -10.24 -36.70
C HIS B 23 -2.87 -9.16 -37.34
N TYR B 24 -3.35 -9.43 -38.55
CA TYR B 24 -4.23 -8.50 -39.24
C TYR B 24 -5.03 -9.27 -40.28
N VAL B 25 -6.12 -8.65 -40.74
CA VAL B 25 -6.92 -9.18 -41.83
C VAL B 25 -6.95 -8.12 -42.92
N LYS B 26 -6.70 -8.54 -44.17
CA LYS B 26 -6.40 -7.62 -45.24
C LYS B 26 -7.14 -8.03 -46.52
N GLY B 27 -7.68 -7.03 -47.23
CA GLY B 27 -8.32 -7.27 -48.50
C GLY B 27 -8.50 -5.98 -49.27
N GLY B 28 -8.96 -6.12 -50.53
CA GLY B 28 -9.28 -4.97 -51.34
C GLY B 28 -8.13 -4.52 -52.19
N GLN B 29 -8.40 -3.50 -53.01
CA GLN B 29 -7.39 -2.87 -53.87
C GLN B 29 -7.53 -1.35 -53.78
N GLY B 30 -6.41 -0.66 -53.94
CA GLY B 30 -6.39 0.79 -53.97
C GLY B 30 -5.59 1.38 -52.83
N PRO B 31 -5.80 2.67 -52.55
CA PRO B 31 -5.14 3.29 -51.38
C PRO B 31 -5.54 2.60 -50.08
N LEU B 32 -4.65 2.68 -49.10
CA LEU B 32 -4.76 1.88 -47.90
C LEU B 32 -5.61 2.59 -46.85
N VAL B 33 -6.52 1.85 -46.24
CA VAL B 33 -7.21 2.30 -45.03
CA VAL B 33 -7.24 2.28 -45.03
C VAL B 33 -6.94 1.28 -43.93
N MET B 34 -6.53 1.78 -42.77
CA MET B 34 -6.31 0.94 -41.60
C MET B 34 -7.42 1.19 -40.61
N LEU B 35 -8.02 0.11 -40.10
CA LEU B 35 -9.08 0.16 -39.10
C LEU B 35 -8.53 -0.42 -37.80
N VAL B 36 -8.67 0.31 -36.68
CA VAL B 36 -8.09 -0.13 -35.42
CA VAL B 36 -8.09 -0.15 -35.43
C VAL B 36 -9.17 -0.21 -34.36
N HIS B 37 -9.41 -1.40 -33.85
CA HIS B 37 -10.45 -1.71 -32.88
C HIS B 37 -10.11 -1.17 -31.49
N GLY B 38 -11.00 -1.47 -30.54
CA GLY B 38 -10.86 -0.99 -29.17
C GLY B 38 -10.96 -2.11 -28.14
N PHE B 39 -11.15 -1.74 -26.88
CA PHE B 39 -11.22 -2.70 -25.80
C PHE B 39 -12.40 -3.64 -25.96
N GLY B 40 -12.22 -4.87 -25.50
CA GLY B 40 -13.23 -5.89 -25.54
C GLY B 40 -13.41 -6.56 -26.87
N GLN B 41 -12.69 -6.12 -27.89
CA GLN B 41 -12.93 -6.56 -29.25
C GLN B 41 -11.59 -6.76 -29.95
N THR B 42 -11.69 -7.02 -31.25
CA THR B 42 -10.59 -7.42 -32.12
C THR B 42 -10.88 -6.83 -33.49
N TRP B 43 -10.08 -7.22 -34.49
CA TRP B 43 -10.30 -6.76 -35.85
C TRP B 43 -11.73 -7.04 -36.30
N TYR B 44 -12.36 -8.07 -35.73
CA TYR B 44 -13.66 -8.54 -36.20
C TYR B 44 -14.75 -7.49 -36.08
N GLU B 45 -14.58 -6.45 -35.25
CA GLU B 45 -15.63 -5.45 -35.14
C GLU B 45 -15.81 -4.71 -36.46
N TRP B 46 -14.82 -4.75 -37.34
CA TRP B 46 -14.91 -4.13 -38.66
C TRP B 46 -15.39 -5.08 -39.76
N HIS B 47 -15.78 -6.31 -39.43
CA HIS B 47 -16.03 -7.28 -40.50
C HIS B 47 -17.20 -6.89 -41.40
N GLN B 48 -18.11 -6.02 -40.95
CA GLN B 48 -19.19 -5.57 -41.83
C GLN B 48 -18.74 -4.43 -42.73
N LEU B 49 -17.91 -3.52 -42.21
CA LEU B 49 -17.42 -2.41 -43.02
C LEU B 49 -16.40 -2.88 -44.07
N MET B 50 -15.58 -3.88 -43.73
CA MET B 50 -14.44 -4.24 -44.57
C MET B 50 -14.82 -4.63 -46.00
N PRO B 51 -15.82 -5.49 -46.25
CA PRO B 51 -16.17 -5.82 -47.64
C PRO B 51 -16.70 -4.64 -48.44
N GLU B 52 -17.36 -3.68 -47.81
CA GLU B 52 -17.83 -2.48 -48.51
C GLU B 52 -16.67 -1.55 -48.86
N LEU B 53 -15.81 -1.26 -47.88
CA LEU B 53 -14.64 -0.43 -48.13
C LEU B 53 -13.73 -1.06 -49.17
N ALA B 54 -13.61 -2.38 -49.15
CA ALA B 54 -12.68 -3.06 -50.04
C ALA B 54 -13.06 -2.93 -51.50
N LYS B 55 -14.23 -2.36 -51.82
CA LYS B 55 -14.57 -2.11 -53.22
C LYS B 55 -13.75 -0.97 -53.80
N ARG B 56 -13.36 0.01 -52.96
CA ARG B 56 -12.58 1.14 -53.42
C ARG B 56 -11.20 1.26 -52.77
N PHE B 57 -10.92 0.49 -51.72
CA PHE B 57 -9.69 0.69 -50.96
C PHE B 57 -9.04 -0.65 -50.64
N THR B 58 -7.74 -0.59 -50.37
CA THR B 58 -7.07 -1.66 -49.66
C THR B 58 -7.37 -1.50 -48.18
N VAL B 59 -7.89 -2.54 -47.56
CA VAL B 59 -8.33 -2.47 -46.16
C VAL B 59 -7.46 -3.40 -45.32
N ILE B 60 -6.98 -2.89 -44.19
CA ILE B 60 -6.23 -3.70 -43.24
C ILE B 60 -6.77 -3.45 -41.82
N ALA B 61 -7.08 -4.53 -41.11
CA ALA B 61 -7.66 -4.49 -39.77
C ALA B 61 -6.77 -5.26 -38.81
N PRO B 62 -5.85 -4.59 -38.12
CA PRO B 62 -4.95 -5.29 -37.20
C PRO B 62 -5.58 -5.54 -35.83
N ASP B 63 -5.11 -6.61 -35.19
CA ASP B 63 -5.34 -6.77 -33.75
C ASP B 63 -4.32 -5.95 -32.99
N LEU B 64 -4.80 -5.17 -32.02
CA LEU B 64 -3.89 -4.41 -31.18
C LEU B 64 -2.91 -5.36 -30.48
N PRO B 65 -1.69 -4.90 -30.20
CA PRO B 65 -0.71 -5.75 -29.54
C PRO B 65 -1.27 -6.39 -28.27
N GLY B 66 -1.04 -7.68 -28.12
CA GLY B 66 -1.54 -8.42 -26.97
C GLY B 66 -2.97 -8.89 -27.09
N LEU B 67 -3.78 -8.27 -27.97
CA LEU B 67 -5.18 -8.63 -28.13
C LEU B 67 -5.37 -9.43 -29.41
N GLY B 68 -6.56 -10.04 -29.53
CA GLY B 68 -6.81 -10.92 -30.66
C GLY B 68 -5.69 -11.95 -30.79
N GLN B 69 -5.04 -11.98 -31.95
CA GLN B 69 -3.93 -12.89 -32.17
C GLN B 69 -2.59 -12.18 -32.33
N SER B 70 -2.49 -10.92 -31.94
CA SER B 70 -1.21 -10.19 -31.99
C SER B 70 -0.41 -10.40 -30.71
N GLU B 71 0.91 -10.46 -30.85
CA GLU B 71 1.80 -10.56 -29.70
C GLU B 71 1.78 -9.29 -28.86
N PRO B 72 1.97 -9.40 -27.56
CA PRO B 72 2.08 -8.20 -26.71
C PRO B 72 3.23 -7.32 -27.17
N PRO B 73 3.20 -6.03 -26.85
CA PRO B 73 4.31 -5.15 -27.23
C PRO B 73 5.53 -5.49 -26.41
N LYS B 74 6.70 -5.19 -26.97
CA LYS B 74 7.96 -5.35 -26.24
C LYS B 74 8.46 -4.05 -25.62
N THR B 75 7.89 -2.90 -26.00
CA THR B 75 8.26 -1.63 -25.38
C THR B 75 7.31 -1.25 -24.26
N GLY B 76 6.01 -1.19 -24.54
CA GLY B 76 5.04 -0.83 -23.52
C GLY B 76 3.72 -0.50 -24.16
N TYR B 77 2.76 -0.11 -23.31
CA TYR B 77 1.36 0.06 -23.69
C TYR B 77 0.88 1.51 -23.70
N SER B 78 1.78 2.48 -23.53
CA SER B 78 1.37 3.87 -23.69
C SER B 78 1.09 4.15 -25.17
N GLY B 79 0.39 5.26 -25.41
CA GLY B 79 -0.06 5.55 -26.76
C GLY B 79 1.09 5.67 -27.74
N GLU B 80 2.19 6.31 -27.29
CA GLU B 80 3.30 6.60 -28.17
C GLU B 80 4.05 5.33 -28.56
N GLN B 81 4.21 4.39 -27.61
CA GLN B 81 4.86 3.12 -27.91
C GLN B 81 4.03 2.25 -28.83
N VAL B 82 2.72 2.18 -28.59
CA VAL B 82 1.89 1.29 -29.41
C VAL B 82 1.71 1.89 -30.80
N ALA B 83 1.61 3.22 -30.89
CA ALA B 83 1.49 3.90 -32.17
C ALA B 83 2.66 3.61 -33.10
N VAL B 84 3.86 3.37 -32.57
CA VAL B 84 4.98 3.01 -33.43
C VAL B 84 4.67 1.73 -34.21
N TYR B 85 4.12 0.72 -33.52
CA TYR B 85 3.82 -0.55 -34.18
C TYR B 85 2.79 -0.36 -35.28
N LEU B 86 1.71 0.37 -34.99
CA LEU B 86 0.63 0.52 -35.97
C LEU B 86 1.09 1.34 -37.17
N HIS B 87 1.87 2.40 -36.93
CA HIS B 87 2.46 3.19 -38.01
C HIS B 87 3.39 2.35 -38.89
N LYS B 88 4.31 1.60 -38.28
CA LYS B 88 5.23 0.81 -39.08
C LYS B 88 4.51 -0.29 -39.84
N LEU B 89 3.50 -0.91 -39.23
CA LEU B 89 2.69 -1.88 -39.96
C LEU B 89 2.09 -1.25 -41.21
N ALA B 90 1.45 -0.09 -41.06
CA ALA B 90 0.80 0.54 -42.22
C ALA B 90 1.81 0.91 -43.29
N ARG B 91 3.00 1.39 -42.87
CA ARG B 91 4.02 1.79 -43.84
C ARG B 91 4.44 0.62 -44.73
N GLN B 92 4.58 -0.57 -44.17
CA GLN B 92 4.94 -1.74 -44.97
C GLN B 92 4.02 -1.89 -46.18
N PHE B 93 2.73 -1.59 -46.01
CA PHE B 93 1.75 -1.76 -47.08
C PHE B 93 1.46 -0.49 -47.87
N SER B 94 1.81 0.68 -47.36
CA SER B 94 1.64 1.95 -48.08
C SER B 94 2.88 2.81 -47.92
N PRO B 95 4.03 2.35 -48.44
CA PRO B 95 5.27 3.12 -48.26
C PRO B 95 5.40 4.32 -49.18
N ASP B 96 4.59 4.42 -50.23
CA ASP B 96 4.72 5.44 -51.25
C ASP B 96 3.58 6.46 -51.27
N ARG B 97 2.59 6.31 -50.40
CA ARG B 97 1.39 7.14 -50.45
C ARG B 97 0.82 7.25 -49.04
N PRO B 98 0.16 8.36 -48.71
CA PRO B 98 -0.54 8.44 -47.42
C PRO B 98 -1.62 7.37 -47.31
N PHE B 99 -1.98 7.03 -46.09
CA PHE B 99 -3.07 6.09 -45.89
C PHE B 99 -4.14 6.73 -45.02
N ASP B 100 -5.34 6.15 -45.05
CA ASP B 100 -6.43 6.62 -44.20
C ASP B 100 -6.46 5.80 -42.92
N LEU B 101 -7.01 6.41 -41.85
CA LEU B 101 -7.04 5.77 -40.54
C LEU B 101 -8.43 5.89 -39.92
N VAL B 102 -9.01 4.78 -39.53
CA VAL B 102 -10.28 4.73 -38.80
C VAL B 102 -10.04 4.05 -37.44
N ALA B 103 -10.42 4.71 -36.35
CA ALA B 103 -10.14 4.16 -35.03
C ALA B 103 -11.32 4.33 -34.09
N HIS B 104 -11.47 3.34 -33.23
CA HIS B 104 -12.56 3.22 -32.29
C HIS B 104 -11.99 2.95 -30.90
N ASP B 105 -12.51 3.65 -29.89
CA ASP B 105 -12.22 3.41 -28.45
C ASP B 105 -10.72 3.56 -28.24
N ILE B 106 -10.03 2.60 -27.63
CA ILE B 106 -8.60 2.82 -27.37
C ILE B 106 -7.75 2.78 -28.65
N GLY B 107 -8.33 2.39 -29.79
CA GLY B 107 -7.61 2.58 -31.04
C GLY B 107 -7.20 4.02 -31.24
N ILE B 108 -7.99 4.95 -30.70
CA ILE B 108 -7.66 6.38 -30.73
C ILE B 108 -6.39 6.64 -29.92
N TRP B 109 -6.38 6.20 -28.67
CA TRP B 109 -5.21 6.33 -27.80
C TRP B 109 -3.96 5.81 -28.47
N ASN B 110 -4.10 4.70 -29.19
CA ASN B 110 -2.99 3.97 -29.75
C ASN B 110 -2.61 4.42 -31.16
N THR B 111 -3.32 5.39 -31.73
CA THR B 111 -2.97 5.93 -33.04
C THR B 111 -2.73 7.44 -33.06
N TYR B 112 -3.28 8.20 -32.12
CA TYR B 112 -3.10 9.65 -32.19
C TYR B 112 -1.64 10.09 -32.18
N PRO B 113 -0.73 9.53 -31.36
CA PRO B 113 0.66 9.98 -31.44
C PRO B 113 1.29 9.78 -32.80
N MET B 114 1.01 8.67 -33.48
CA MET B 114 1.63 8.48 -34.79
C MET B 114 1.01 9.43 -35.83
N VAL B 115 -0.25 9.81 -35.66
CA VAL B 115 -0.87 10.73 -36.60
C VAL B 115 -0.27 12.12 -36.46
N VAL B 116 -0.13 12.58 -35.22
CA VAL B 116 0.31 13.96 -35.03
C VAL B 116 1.79 14.08 -35.37
N LYS B 117 2.51 12.97 -35.36
CA LYS B 117 3.95 12.98 -35.61
C LYS B 117 4.32 12.59 -37.03
N ASN B 118 3.38 12.08 -37.83
CA ASN B 118 3.65 11.73 -39.23
C ASN B 118 2.45 12.19 -40.07
N GLN B 119 2.13 13.47 -39.95
CA GLN B 119 0.90 13.99 -40.55
C GLN B 119 0.87 13.77 -42.05
N ALA B 120 2.02 13.84 -42.71
CA ALA B 120 2.09 13.65 -44.16
C ALA B 120 1.84 12.21 -44.58
N ASP B 121 1.85 11.25 -43.65
CA ASP B 121 1.52 9.87 -43.96
C ASP B 121 0.03 9.55 -43.81
N ILE B 122 -0.77 10.46 -43.27
CA ILE B 122 -2.20 10.24 -43.07
C ILE B 122 -2.97 11.12 -44.05
N ALA B 123 -3.78 10.49 -44.92
CA ALA B 123 -4.61 11.29 -45.81
C ALA B 123 -5.86 11.79 -45.09
N ARG B 124 -6.69 10.88 -44.58
CA ARG B 124 -7.91 11.23 -43.86
C ARG B 124 -8.06 10.39 -42.61
N LEU B 125 -8.74 10.96 -41.61
CA LEU B 125 -8.81 10.38 -40.27
C LEU B 125 -10.26 10.31 -39.80
N VAL B 126 -10.67 9.13 -39.32
CA VAL B 126 -11.98 8.94 -38.69
C VAL B 126 -11.75 8.43 -37.26
N TYR B 127 -12.21 9.19 -36.27
CA TYR B 127 -12.13 8.82 -34.86
C TYR B 127 -13.53 8.68 -34.29
N MET B 128 -13.79 7.60 -33.53
CA MET B 128 -15.13 7.37 -32.99
C MET B 128 -15.08 6.82 -31.58
N GLN B 129 -15.85 7.44 -30.68
CA GLN B 129 -16.19 6.90 -29.36
C GLN B 129 -14.94 6.62 -28.52
N ALA B 130 -14.24 7.68 -28.17
CA ALA B 130 -13.22 7.70 -27.12
C ALA B 130 -12.62 9.10 -27.04
N PRO B 131 -12.38 9.61 -25.84
CA PRO B 131 -11.61 10.85 -25.73
C PRO B 131 -10.17 10.59 -26.15
N ILE B 132 -9.59 11.56 -26.86
CA ILE B 132 -8.12 11.57 -26.89
C ILE B 132 -7.63 11.75 -25.46
N PRO B 133 -6.66 10.96 -24.98
CA PRO B 133 -6.24 11.10 -23.58
C PRO B 133 -5.67 12.47 -23.32
N ASP B 134 -6.36 13.22 -22.46
CA ASP B 134 -5.92 14.54 -22.00
C ASP B 134 -6.63 14.81 -20.69
N ALA B 135 -6.36 15.98 -20.12
CA ALA B 135 -6.89 16.38 -18.83
C ALA B 135 -8.40 16.23 -18.73
N ARG B 136 -9.13 16.24 -19.85
CA ARG B 136 -10.59 16.19 -19.81
C ARG B 136 -11.11 14.91 -19.15
N ILE B 137 -10.40 13.79 -19.29
CA ILE B 137 -10.91 12.54 -18.72
C ILE B 137 -11.02 12.63 -17.19
N TYR B 138 -10.31 13.56 -16.57
CA TYR B 138 -10.35 13.71 -15.12
C TYR B 138 -11.65 14.35 -14.63
N ARG B 139 -12.52 14.78 -15.52
CA ARG B 139 -13.77 15.42 -15.18
C ARG B 139 -14.95 14.46 -15.17
N PHE B 140 -14.82 13.31 -15.82
CA PHE B 140 -15.89 12.35 -15.95
C PHE B 140 -16.32 11.84 -14.58
N PRO B 141 -17.59 11.96 -14.22
CA PRO B 141 -18.04 11.50 -12.89
C PRO B 141 -17.90 10.00 -12.70
N ALA B 142 -17.59 9.63 -11.46
CA ALA B 142 -17.50 8.24 -11.06
C ALA B 142 -18.87 7.56 -10.94
N PHE B 143 -19.93 8.32 -10.68
CA PHE B 143 -21.25 7.81 -10.31
C PHE B 143 -22.30 8.79 -10.80
N THR B 144 -23.46 8.28 -11.22
CA THR B 144 -24.52 9.12 -11.75
C THR B 144 -25.81 8.90 -10.96
N ALA B 145 -26.72 9.85 -11.10
CA ALA B 145 -28.05 9.77 -10.48
C ALA B 145 -28.88 8.60 -11.01
N GLN B 146 -28.45 7.93 -12.08
CA GLN B 146 -29.16 6.80 -12.66
C GLN B 146 -28.54 5.46 -12.31
N GLY B 147 -27.41 5.43 -11.62
CA GLY B 147 -26.67 4.22 -11.39
C GLY B 147 -25.23 4.33 -11.88
N GLU B 148 -24.67 3.19 -12.29
CA GLU B 148 -23.26 3.16 -12.63
C GLU B 148 -22.98 4.06 -13.81
N SER B 149 -21.82 4.71 -13.78
CA SER B 149 -21.39 5.54 -14.90
C SER B 149 -20.75 4.68 -15.97
N LEU B 150 -20.27 5.32 -17.04
CA LEU B 150 -19.72 4.65 -18.19
C LEU B 150 -18.21 4.67 -18.21
N VAL B 151 -17.57 5.36 -17.26
CA VAL B 151 -16.13 5.56 -17.28
C VAL B 151 -15.45 5.06 -16.02
N TRP B 152 -16.19 4.39 -15.12
CA TRP B 152 -15.55 3.90 -13.91
C TRP B 152 -14.60 2.75 -14.21
N HIS B 153 -14.75 2.11 -15.37
CA HIS B 153 -13.81 1.09 -15.79
C HIS B 153 -12.40 1.61 -15.94
N PHE B 154 -12.23 2.92 -16.16
CA PHE B 154 -10.89 3.51 -16.26
C PHE B 154 -10.08 3.16 -15.01
N SER B 155 -10.68 3.37 -13.81
CA SER B 155 -9.99 3.11 -12.54
C SER B 155 -9.93 1.63 -12.20
N PHE B 156 -11.03 0.91 -12.48
CA PHE B 156 -11.02 -0.53 -12.26
C PHE B 156 -9.91 -1.20 -13.06
N PHE B 157 -9.80 -0.85 -14.36
CA PHE B 157 -8.76 -1.42 -15.21
C PHE B 157 -7.37 -0.88 -14.87
N ALA B 158 -7.26 0.38 -14.41
CA ALA B 158 -5.95 0.92 -14.05
C ALA B 158 -5.43 0.39 -12.71
N ALA B 159 -6.30 -0.10 -11.82
CA ALA B 159 -5.89 -0.55 -10.49
C ALA B 159 -4.79 -1.60 -10.60
N ASP B 160 -3.89 -1.61 -9.60
CA ASP B 160 -2.77 -2.53 -9.58
C ASP B 160 -3.18 -3.84 -8.91
N ASP B 161 -2.20 -4.64 -8.47
CA ASP B 161 -2.43 -5.99 -7.94
C ASP B 161 -3.09 -6.91 -8.95
N ARG B 162 -3.08 -6.55 -10.23
CA ARG B 162 -3.83 -7.27 -11.26
C ARG B 162 -5.29 -7.44 -10.86
N LEU B 163 -5.89 -6.39 -10.29
CA LEU B 163 -7.23 -6.53 -9.71
C LEU B 163 -8.24 -6.99 -10.76
N ALA B 164 -8.22 -6.35 -11.92
CA ALA B 164 -9.21 -6.67 -12.94
C ALA B 164 -9.00 -8.09 -13.47
N GLU B 165 -7.75 -8.49 -13.71
CA GLU B 165 -7.52 -9.85 -14.16
C GLU B 165 -7.99 -10.85 -13.12
N THR B 166 -7.74 -10.57 -11.85
CA THR B 166 -8.03 -11.59 -10.85
C THR B 166 -9.53 -11.72 -10.64
N LEU B 167 -10.26 -10.61 -10.59
CA LEU B 167 -11.69 -10.68 -10.36
C LEU B 167 -12.44 -11.19 -11.60
N ILE B 168 -11.96 -10.88 -12.79
CA ILE B 168 -12.70 -11.26 -14.00
C ILE B 168 -12.33 -12.66 -14.50
N ALA B 169 -11.13 -13.16 -14.19
CA ALA B 169 -10.77 -14.53 -14.56
C ALA B 169 -11.74 -15.52 -13.95
N GLY B 170 -12.11 -16.53 -14.75
CA GLY B 170 -13.23 -17.39 -14.42
C GLY B 170 -14.59 -16.84 -14.79
N LYS B 171 -14.70 -15.52 -15.00
CA LYS B 171 -15.98 -14.86 -15.26
C LYS B 171 -15.91 -13.98 -16.51
N GLU B 172 -15.01 -14.29 -17.44
CA GLU B 172 -14.75 -13.41 -18.57
C GLU B 172 -16.00 -13.19 -19.43
N ARG B 173 -16.74 -14.27 -19.70
CA ARG B 173 -17.93 -14.15 -20.53
C ARG B 173 -19.00 -13.31 -19.84
N PHE B 174 -19.23 -13.59 -18.55
CA PHE B 174 -20.18 -12.81 -17.76
C PHE B 174 -19.79 -11.34 -17.72
N PHE B 175 -18.52 -11.06 -17.42
CA PHE B 175 -18.14 -9.66 -17.27
C PHE B 175 -18.30 -8.91 -18.58
N LEU B 176 -17.87 -9.53 -19.69
CA LEU B 176 -17.85 -8.83 -20.97
C LEU B 176 -19.27 -8.56 -21.46
N GLU B 177 -20.19 -9.51 -21.26
CA GLU B 177 -21.58 -9.22 -21.64
C GLU B 177 -22.11 -8.02 -20.86
N HIS B 178 -21.89 -7.99 -19.54
CA HIS B 178 -22.33 -6.85 -18.77
C HIS B 178 -21.67 -5.57 -19.24
N PHE B 179 -20.35 -5.61 -19.48
CA PHE B 179 -19.65 -4.40 -19.89
C PHE B 179 -20.16 -3.89 -21.24
N ILE B 180 -20.29 -4.79 -22.22
CA ILE B 180 -20.78 -4.39 -23.55
C ILE B 180 -22.20 -3.83 -23.45
N LYS B 181 -23.12 -4.61 -22.87
CA LYS B 181 -24.52 -4.18 -22.87
C LYS B 181 -24.72 -2.92 -22.02
N SER B 182 -23.91 -2.69 -20.98
CA SER B 182 -24.08 -1.48 -20.18
C SER B 182 -23.53 -0.24 -20.89
N HIS B 183 -22.71 -0.41 -21.93
CA HIS B 183 -22.32 0.71 -22.76
C HIS B 183 -23.04 0.72 -24.10
N ALA B 184 -24.02 -0.18 -24.29
CA ALA B 184 -24.78 -0.26 -25.51
C ALA B 184 -26.13 0.46 -25.37
N SER B 185 -26.59 1.02 -26.49
CA SER B 185 -27.95 1.51 -26.54
C SER B 185 -28.88 0.42 -27.05
N ASN B 186 -28.44 -0.32 -28.06
CA ASN B 186 -29.21 -1.41 -28.64
C ASN B 186 -28.46 -2.70 -28.33
N THR B 187 -29.00 -3.48 -27.40
CA THR B 187 -28.32 -4.69 -26.96
C THR B 187 -28.59 -5.89 -27.86
N GLU B 188 -29.66 -5.88 -28.65
CA GLU B 188 -30.01 -7.06 -29.44
C GLU B 188 -29.01 -7.38 -30.53
N VAL B 189 -28.12 -6.43 -30.89
CA VAL B 189 -27.16 -6.70 -31.96
C VAL B 189 -26.05 -7.64 -31.50
N PHE B 190 -25.93 -7.87 -30.19
CA PHE B 190 -24.92 -8.77 -29.64
C PHE B 190 -25.59 -10.09 -29.33
N SER B 191 -25.57 -11.00 -30.31
CA SER B 191 -26.02 -12.35 -30.09
C SER B 191 -25.17 -13.02 -29.01
N GLU B 192 -25.64 -14.18 -28.56
CA GLU B 192 -24.84 -14.93 -27.59
C GLU B 192 -23.59 -15.51 -28.26
N ARG B 193 -23.68 -15.85 -29.54
CA ARG B 193 -22.52 -16.34 -30.27
C ARG B 193 -21.43 -15.27 -30.41
N LEU B 194 -21.83 -14.05 -30.79
CA LEU B 194 -20.84 -12.97 -30.92
C LEU B 194 -20.16 -12.70 -29.59
N LEU B 195 -20.91 -12.74 -28.48
CA LEU B 195 -20.33 -12.52 -27.17
C LEU B 195 -19.39 -13.65 -26.78
N ASP B 196 -19.73 -14.88 -27.18
CA ASP B 196 -18.83 -16.01 -26.93
C ASP B 196 -17.51 -15.83 -27.65
N LEU B 197 -17.56 -15.35 -28.90
CA LEU B 197 -16.32 -15.15 -29.67
C LEU B 197 -15.42 -14.10 -29.03
N TYR B 198 -15.98 -12.94 -28.68
CA TYR B 198 -15.17 -11.90 -28.06
C TYR B 198 -14.64 -12.33 -26.70
N ALA B 199 -15.48 -13.04 -25.92
CA ALA B 199 -15.07 -13.44 -24.58
C ALA B 199 -13.96 -14.49 -24.62
N ARG B 200 -14.03 -15.46 -25.55
CA ARG B 200 -12.96 -16.44 -25.67
C ARG B 200 -11.65 -15.77 -26.08
N SER B 201 -11.72 -14.73 -26.92
CA SER B 201 -10.49 -14.08 -27.37
C SER B 201 -9.83 -13.28 -26.26
N TYR B 202 -10.59 -12.43 -25.56
CA TYR B 202 -9.92 -11.64 -24.54
C TYR B 202 -9.67 -12.43 -23.25
N ALA B 203 -10.21 -13.65 -23.13
CA ALA B 203 -9.98 -14.47 -21.96
C ALA B 203 -8.62 -15.16 -21.96
N LYS B 204 -7.92 -15.20 -23.11
CA LYS B 204 -6.55 -15.69 -23.09
C LYS B 204 -5.77 -14.86 -22.06
N PRO B 205 -5.07 -15.50 -21.12
CA PRO B 205 -4.42 -14.74 -20.03
C PRO B 205 -3.60 -13.56 -20.51
N HIS B 206 -2.76 -13.74 -21.52
CA HIS B 206 -1.96 -12.59 -21.97
C HIS B 206 -2.83 -11.52 -22.60
N SER B 207 -3.95 -11.90 -23.24
CA SER B 207 -4.87 -10.90 -23.77
C SER B 207 -5.68 -10.25 -22.67
N LEU B 208 -6.03 -10.98 -21.62
CA LEU B 208 -6.74 -10.36 -20.51
C LEU B 208 -5.87 -9.30 -19.84
N ASN B 209 -4.62 -9.66 -19.54
CA ASN B 209 -3.70 -8.69 -18.95
C ASN B 209 -3.44 -7.53 -19.92
N ALA B 210 -3.21 -7.83 -21.20
CA ALA B 210 -2.95 -6.76 -22.16
C ALA B 210 -4.08 -5.75 -22.19
N SER B 211 -5.33 -6.23 -22.14
CA SER B 211 -6.49 -5.34 -22.18
C SER B 211 -6.37 -4.25 -21.12
N PHE B 212 -5.92 -4.60 -19.93
CA PHE B 212 -5.90 -3.62 -18.85
C PHE B 212 -4.60 -2.81 -18.78
N GLU B 213 -3.50 -3.35 -19.31
CA GLU B 213 -2.26 -2.59 -19.38
C GLU B 213 -2.42 -1.30 -20.19
N TYR B 214 -3.28 -1.30 -21.21
CA TYR B 214 -3.58 -0.05 -21.90
C TYR B 214 -4.14 1.00 -20.93
N TYR B 215 -4.92 0.57 -19.95
CA TYR B 215 -5.43 1.51 -18.95
C TYR B 215 -4.38 1.82 -17.87
N ARG B 216 -3.58 0.84 -17.49
CA ARG B 216 -2.47 1.15 -16.58
C ARG B 216 -1.49 2.15 -17.20
N ALA B 217 -1.48 2.30 -18.53
CA ALA B 217 -0.63 3.29 -19.18
C ALA B 217 -1.37 4.59 -19.52
N LEU B 218 -2.64 4.72 -19.12
CA LEU B 218 -3.46 5.85 -19.59
C LEU B 218 -2.92 7.20 -19.11
N ASN B 219 -2.51 7.29 -17.83
CA ASN B 219 -1.94 8.55 -17.35
C ASN B 219 -0.64 8.88 -18.05
N GLU B 220 0.17 7.87 -18.41
CA GLU B 220 1.39 8.16 -19.18
C GLU B 220 1.03 8.70 -20.56
N SER B 221 0.00 8.13 -21.19
CA SER B 221 -0.49 8.63 -22.47
C SER B 221 -1.01 10.07 -22.36
N VAL B 222 -1.71 10.41 -21.28
CA VAL B 222 -2.14 11.80 -21.08
C VAL B 222 -0.93 12.74 -21.04
N ARG B 223 0.10 12.37 -20.29
CA ARG B 223 1.30 13.20 -20.21
C ARG B 223 2.02 13.30 -21.55
N GLN B 224 2.15 12.17 -22.26
CA GLN B 224 2.69 12.21 -23.61
C GLN B 224 1.91 13.16 -24.50
N ASN B 225 0.58 13.16 -24.37
CA ASN B 225 -0.23 13.93 -25.31
C ASN B 225 -0.19 15.42 -25.00
N ALA B 226 0.05 15.80 -23.73
CA ALA B 226 0.21 17.21 -23.39
C ALA B 226 1.36 17.84 -24.15
N GLU B 227 2.40 17.07 -24.47
CA GLU B 227 3.46 17.62 -25.32
C GLU B 227 3.11 17.47 -26.80
N LEU B 228 2.53 16.35 -27.20
CA LEU B 228 2.21 16.16 -28.62
C LEU B 228 1.22 17.22 -29.12
N ALA B 229 0.26 17.62 -28.27
CA ALA B 229 -0.86 18.43 -28.73
C ALA B 229 -0.48 19.86 -29.07
N LYS B 230 0.79 20.25 -28.92
CA LYS B 230 1.21 21.57 -29.37
C LYS B 230 1.11 21.72 -30.88
N THR B 231 1.06 20.61 -31.61
CA THR B 231 0.91 20.57 -33.06
C THR B 231 -0.50 20.07 -33.39
N ARG B 232 -1.30 20.93 -34.02
CA ARG B 232 -2.65 20.55 -34.40
C ARG B 232 -2.65 19.71 -35.68
N LEU B 233 -3.62 18.81 -35.76
CA LEU B 233 -3.78 17.97 -36.94
C LEU B 233 -4.30 18.79 -38.12
N GLN B 234 -3.73 18.56 -39.30
CA GLN B 234 -4.08 19.33 -40.47
C GLN B 234 -4.84 18.55 -41.54
N MET B 235 -4.96 17.23 -41.40
CA MET B 235 -5.65 16.46 -42.42
C MET B 235 -7.16 16.51 -42.21
N PRO B 236 -7.95 16.17 -43.24
CA PRO B 236 -9.41 16.05 -43.05
C PRO B 236 -9.74 14.98 -42.03
N THR B 237 -10.59 15.33 -41.06
CA THR B 237 -10.97 14.45 -39.98
CA THR B 237 -10.97 14.47 -39.96
C THR B 237 -12.48 14.42 -39.79
N MET B 238 -13.01 13.24 -39.49
CA MET B 238 -14.41 13.07 -39.11
C MET B 238 -14.49 12.35 -37.77
N THR B 239 -15.40 12.81 -36.90
CA THR B 239 -15.72 12.10 -35.67
C THR B 239 -17.13 11.53 -35.76
N LEU B 240 -17.32 10.38 -35.11
CA LEU B 240 -18.61 9.73 -34.95
C LEU B 240 -18.80 9.38 -33.49
N ALA B 241 -20.02 9.54 -32.99
CA ALA B 241 -20.35 9.27 -31.60
C ALA B 241 -21.81 8.89 -31.52
N GLY B 242 -22.12 7.92 -30.64
CA GLY B 242 -23.50 7.58 -30.39
C GLY B 242 -24.22 8.69 -29.64
N GLY B 243 -25.53 8.76 -29.87
CA GLY B 243 -26.38 9.75 -29.22
C GLY B 243 -27.26 9.17 -28.13
N GLY B 244 -27.33 7.84 -28.05
CA GLY B 244 -28.08 7.17 -27.02
C GLY B 244 -27.22 6.77 -25.84
N HIS B 245 -27.76 5.88 -25.01
CA HIS B 245 -27.06 5.43 -23.82
C HIS B 245 -25.74 4.75 -24.19
N GLY B 246 -24.66 5.19 -23.54
CA GLY B 246 -23.33 4.72 -23.83
C GLY B 246 -22.59 5.56 -24.84
N GLY B 247 -23.28 6.44 -25.55
CA GLY B 247 -22.63 7.25 -26.55
C GLY B 247 -21.99 8.47 -25.95
N MET B 248 -21.04 9.04 -26.69
CA MET B 248 -20.31 10.20 -26.19
C MET B 248 -20.98 11.52 -26.54
N GLY B 249 -21.96 11.50 -27.45
CA GLY B 249 -22.70 12.72 -27.72
C GLY B 249 -21.78 13.77 -28.31
N THR B 250 -21.99 15.03 -27.88
CA THR B 250 -21.27 16.15 -28.47
C THR B 250 -19.81 16.21 -28.06
N PHE B 251 -19.39 15.46 -27.04
CA PHE B 251 -18.03 15.57 -26.52
C PHE B 251 -17.00 15.20 -27.56
N GLN B 252 -17.28 14.19 -28.40
CA GLN B 252 -16.31 13.72 -29.39
C GLN B 252 -15.89 14.85 -30.33
N LEU B 253 -16.85 15.51 -30.96
CA LEU B 253 -16.49 16.58 -31.89
C LEU B 253 -15.90 17.77 -31.15
N GLU B 254 -16.49 18.16 -30.02
CA GLU B 254 -16.01 19.33 -29.30
C GLU B 254 -14.56 19.13 -28.81
N GLN B 255 -14.21 17.93 -28.36
CA GLN B 255 -12.80 17.69 -28.05
C GLN B 255 -11.94 17.76 -29.30
N MET B 256 -12.38 17.11 -30.39
CA MET B 256 -11.52 17.05 -31.57
C MET B 256 -11.28 18.44 -32.15
N LYS B 257 -12.22 19.37 -31.94
CA LYS B 257 -12.02 20.73 -32.42
C LYS B 257 -10.78 21.37 -31.79
N ALA B 258 -10.38 20.91 -30.60
CA ALA B 258 -9.17 21.43 -29.96
C ALA B 258 -7.91 20.81 -30.54
N TYR B 259 -8.02 19.69 -31.27
CA TYR B 259 -6.85 19.03 -31.83
C TYR B 259 -6.72 19.18 -33.34
N ALA B 260 -7.82 19.42 -34.05
CA ALA B 260 -7.84 19.34 -35.50
C ALA B 260 -8.46 20.61 -36.09
N GLU B 261 -7.89 21.07 -37.21
CA GLU B 261 -8.33 22.31 -37.84
C GLU B 261 -9.53 22.09 -38.75
N ASP B 262 -9.59 20.95 -39.43
CA ASP B 262 -10.58 20.64 -40.44
C ASP B 262 -11.29 19.37 -40.00
N VAL B 263 -12.37 19.54 -39.25
CA VAL B 263 -13.05 18.41 -38.61
C VAL B 263 -14.55 18.57 -38.79
N GLU B 264 -15.22 17.45 -39.04
CA GLU B 264 -16.66 17.36 -39.10
C GLU B 264 -17.08 16.20 -38.22
N GLY B 265 -18.24 16.31 -37.58
CA GLY B 265 -18.69 15.26 -36.70
C GLY B 265 -20.16 14.95 -36.89
N HIS B 266 -20.52 13.74 -36.43
CA HIS B 266 -21.90 13.31 -36.45
C HIS B 266 -22.20 12.60 -35.14
N VAL B 267 -23.42 12.78 -34.65
CA VAL B 267 -23.94 12.06 -33.50
C VAL B 267 -25.08 11.18 -33.99
N LEU B 268 -25.03 9.88 -33.68
CA LEU B 268 -25.98 8.92 -34.23
C LEU B 268 -27.03 8.57 -33.18
N PRO B 269 -28.27 9.09 -33.32
CA PRO B 269 -29.33 8.75 -32.36
C PRO B 269 -29.65 7.26 -32.38
N GLY B 270 -30.05 6.74 -31.23
CA GLY B 270 -30.38 5.34 -31.12
C GLY B 270 -29.19 4.41 -30.99
N CYS B 271 -27.99 4.95 -30.82
CA CYS B 271 -26.75 4.17 -30.78
C CYS B 271 -25.95 4.54 -29.54
N GLY B 272 -25.24 3.55 -29.01
CA GLY B 272 -24.37 3.77 -27.87
C GLY B 272 -22.91 3.77 -28.28
N HIS B 273 -22.09 2.94 -27.64
CA HIS B 273 -20.65 2.97 -27.86
C HIS B 273 -20.21 2.09 -29.03
N TRP B 274 -20.90 0.97 -29.28
CA TRP B 274 -20.40 -0.06 -30.19
C TRP B 274 -20.88 0.19 -31.62
N LEU B 275 -20.56 1.38 -32.13
CA LEU B 275 -21.11 1.85 -33.42
C LEU B 275 -21.00 0.84 -34.54
N PRO B 276 -19.86 0.18 -34.80
CA PRO B 276 -19.83 -0.76 -35.95
C PRO B 276 -20.87 -1.87 -35.86
N GLU B 277 -21.29 -2.26 -34.66
CA GLU B 277 -22.32 -3.28 -34.49
C GLU B 277 -23.71 -2.70 -34.20
N GLU B 278 -23.80 -1.67 -33.37
CA GLU B 278 -25.13 -1.14 -33.08
C GLU B 278 -25.69 -0.33 -34.23
N CYS B 279 -24.86 0.36 -35.00
CA CYS B 279 -25.37 1.20 -36.07
C CYS B 279 -24.50 1.01 -37.32
N ALA B 280 -24.36 -0.27 -37.71
CA ALA B 280 -23.47 -0.68 -38.80
C ALA B 280 -23.73 0.11 -40.07
N ALA B 281 -24.98 0.08 -40.56
CA ALA B 281 -25.27 0.71 -41.85
C ALA B 281 -24.99 2.21 -41.86
N PRO B 282 -25.56 3.04 -40.96
CA PRO B 282 -25.26 4.48 -41.01
C PRO B 282 -23.80 4.83 -40.76
N MET B 283 -23.12 4.11 -39.85
CA MET B 283 -21.70 4.31 -39.63
C MET B 283 -20.91 3.94 -40.88
N ASN B 284 -21.17 2.75 -41.43
CA ASN B 284 -20.51 2.34 -42.66
C ASN B 284 -20.68 3.40 -43.73
N ARG B 285 -21.90 3.93 -43.86
CA ARG B 285 -22.17 4.89 -44.93
C ARG B 285 -21.38 6.17 -44.74
N LEU B 286 -21.34 6.70 -43.51
CA LEU B 286 -20.62 7.96 -43.28
C LEU B 286 -19.12 7.76 -43.43
N VAL B 287 -18.59 6.62 -42.97
CA VAL B 287 -17.16 6.36 -43.16
C VAL B 287 -16.82 6.31 -44.65
N ILE B 288 -17.52 5.47 -45.41
CA ILE B 288 -17.22 5.29 -46.83
C ILE B 288 -17.31 6.62 -47.57
N ASP B 289 -18.38 7.39 -47.33
CA ASP B 289 -18.54 8.66 -48.02
C ASP B 289 -17.41 9.64 -47.66
N PHE B 290 -17.09 9.77 -46.37
CA PHE B 290 -16.05 10.70 -45.97
C PHE B 290 -14.71 10.34 -46.62
N LEU B 291 -14.36 9.05 -46.64
CA LEU B 291 -13.09 8.64 -47.24
C LEU B 291 -13.09 8.64 -48.76
N SER B 292 -14.26 8.64 -49.40
CA SER B 292 -14.32 8.63 -50.86
C SER B 292 -14.41 10.02 -51.48
N ARG B 293 -14.68 11.05 -50.69
CA ARG B 293 -14.76 12.41 -51.21
C ARG B 293 -13.51 12.82 -52.01
N ALA C 1 20.79 -7.84 -25.06
CA ALA C 1 19.84 -8.12 -23.97
C ALA C 1 19.65 -6.89 -23.07
N GLU C 2 18.43 -6.37 -23.06
CA GLU C 2 18.08 -5.19 -22.27
C GLU C 2 17.10 -5.59 -21.19
N GLU C 3 17.44 -5.28 -19.94
CA GLU C 3 16.50 -5.54 -18.85
C GLU C 3 15.26 -4.65 -18.92
N PHE C 4 15.34 -3.52 -19.60
CA PHE C 4 14.27 -2.53 -19.63
C PHE C 4 14.13 -1.94 -21.02
N PRO C 5 12.91 -1.55 -21.42
CA PRO C 5 12.69 -0.95 -22.75
C PRO C 5 13.39 0.40 -22.88
N VAL C 6 14.25 0.51 -23.89
CA VAL C 6 14.90 1.79 -24.20
C VAL C 6 13.89 2.71 -24.87
N PRO C 7 13.73 3.95 -24.39
CA PRO C 7 12.79 4.86 -25.05
C PRO C 7 13.28 5.24 -26.44
N ASN C 8 12.32 5.61 -27.29
CA ASN C 8 12.62 5.84 -28.70
C ASN C 8 13.64 6.97 -28.86
N GLY C 9 14.59 6.76 -29.76
CA GLY C 9 15.64 7.74 -29.98
C GLY C 9 16.72 7.80 -28.93
N PHE C 10 16.74 6.84 -28.01
CA PHE C 10 17.82 6.68 -27.04
C PHE C 10 18.61 5.42 -27.37
N GLU C 11 19.82 5.34 -26.85
CA GLU C 11 20.69 4.19 -27.07
C GLU C 11 21.18 3.66 -25.74
N SER C 12 21.14 2.33 -25.60
CA SER C 12 21.74 1.63 -24.48
C SER C 12 23.14 1.20 -24.89
N ALA C 13 24.15 1.61 -24.11
CA ALA C 13 25.53 1.31 -24.43
C ALA C 13 26.31 1.11 -23.14
N TYR C 14 27.60 0.84 -23.29
CA TYR C 14 28.50 0.55 -22.19
C TYR C 14 29.80 1.32 -22.35
N ARG C 15 30.37 1.73 -21.23
CA ARG C 15 31.62 2.45 -21.23
C ARG C 15 32.49 1.91 -20.10
N GLU C 16 33.73 1.55 -20.43
CA GLU C 16 34.70 1.07 -19.45
C GLU C 16 35.28 2.26 -18.67
N VAL C 17 35.09 2.27 -17.35
CA VAL C 17 35.61 3.35 -16.50
C VAL C 17 36.48 2.72 -15.39
N ASP C 18 37.78 2.96 -15.45
CA ASP C 18 38.73 2.42 -14.45
C ASP C 18 38.53 0.92 -14.25
N GLY C 19 38.43 0.20 -15.37
CA GLY C 19 38.27 -1.23 -15.34
C GLY C 19 36.87 -1.72 -15.05
N VAL C 20 35.88 -0.82 -14.95
CA VAL C 20 34.49 -1.20 -14.65
C VAL C 20 33.60 -0.83 -15.83
N LYS C 21 32.86 -1.82 -16.33
CA LYS C 21 31.96 -1.59 -17.46
C LYS C 21 30.62 -1.08 -16.92
N LEU C 22 30.35 0.21 -17.12
CA LEU C 22 29.12 0.84 -16.68
C LEU C 22 28.11 0.84 -17.82
N HIS C 23 26.88 0.45 -17.52
CA HIS C 23 25.81 0.54 -18.50
C HIS C 23 25.14 1.90 -18.38
N TYR C 24 24.66 2.41 -19.52
CA TYR C 24 23.97 3.69 -19.52
C TYR C 24 23.03 3.77 -20.72
N VAL C 25 22.02 4.63 -20.60
CA VAL C 25 21.12 4.96 -21.71
C VAL C 25 21.31 6.44 -22.00
N LYS C 26 21.41 6.79 -23.28
CA LYS C 26 21.77 8.15 -23.66
C LYS C 26 20.93 8.62 -24.84
N GLY C 27 20.65 9.91 -24.86
CA GLY C 27 19.89 10.49 -25.96
C GLY C 27 19.84 11.99 -25.84
N GLY C 28 19.38 12.61 -26.91
CA GLY C 28 19.25 14.05 -26.94
C GLY C 28 20.49 14.74 -27.48
N GLN C 29 20.45 16.07 -27.42
CA GLN C 29 21.51 16.93 -27.92
C GLN C 29 21.60 18.16 -27.03
N GLY C 30 22.81 18.73 -26.96
CA GLY C 30 23.06 19.90 -26.15
C GLY C 30 23.80 19.59 -24.85
N PRO C 31 23.72 20.50 -23.89
CA PRO C 31 24.41 20.30 -22.60
C PRO C 31 24.02 19.00 -21.91
N LEU C 32 24.99 18.38 -21.27
CA LEU C 32 24.80 17.06 -20.69
C LEU C 32 24.12 17.13 -19.33
N VAL C 33 23.16 16.24 -19.09
CA VAL C 33 22.58 16.08 -17.77
C VAL C 33 22.63 14.59 -17.41
N MET C 34 23.13 14.29 -16.21
CA MET C 34 23.26 12.91 -15.75
C MET C 34 22.25 12.64 -14.65
N LEU C 35 21.49 11.55 -14.80
CA LEU C 35 20.44 11.14 -13.88
C LEU C 35 20.87 9.85 -13.23
N VAL C 36 20.90 9.82 -11.89
CA VAL C 36 21.46 8.69 -11.14
C VAL C 36 20.38 8.14 -10.22
N HIS C 37 19.94 6.91 -10.51
CA HIS C 37 18.89 6.21 -9.77
C HIS C 37 19.38 5.78 -8.38
N GLY C 38 18.48 5.12 -7.63
CA GLY C 38 18.77 4.68 -6.28
C GLY C 38 18.45 3.22 -6.03
N PHE C 39 18.32 2.82 -4.76
CA PHE C 39 18.14 1.41 -4.44
C PHE C 39 16.82 0.85 -4.98
N GLY C 40 16.85 -0.43 -5.39
CA GLY C 40 15.66 -1.11 -5.85
C GLY C 40 15.31 -0.87 -7.30
N GLN C 41 16.02 0.03 -7.97
CA GLN C 41 15.70 0.39 -9.34
C GLN C 41 16.97 0.51 -10.15
N THR C 42 16.83 1.05 -11.35
CA THR C 42 17.89 1.19 -12.34
C THR C 42 17.64 2.50 -13.06
N TRP C 43 18.38 2.71 -14.15
CA TRP C 43 18.17 3.88 -15.01
C TRP C 43 16.70 4.03 -15.40
N TYR C 44 15.95 2.92 -15.47
CA TYR C 44 14.60 2.94 -16.00
C TYR C 44 13.65 3.82 -15.21
N GLU C 45 14.00 4.20 -13.98
CA GLU C 45 13.12 5.10 -13.23
C GLU C 45 13.02 6.47 -13.88
N TRP C 46 13.99 6.82 -14.72
CA TRP C 46 14.03 8.11 -15.40
C TRP C 46 13.36 8.08 -16.76
N HIS C 47 12.75 6.94 -17.14
CA HIS C 47 12.40 6.73 -18.54
C HIS C 47 11.25 7.62 -19.02
N GLN C 48 10.48 8.21 -18.09
CA GLN C 48 9.46 9.17 -18.49
C GLN C 48 9.99 10.59 -18.53
N LEU C 49 10.97 10.92 -17.67
CA LEU C 49 11.64 12.21 -17.71
C LEU C 49 12.59 12.34 -18.90
N MET C 50 13.24 11.24 -19.30
CA MET C 50 14.34 11.34 -20.25
C MET C 50 13.93 11.91 -21.61
N PRO C 51 12.82 11.49 -22.24
CA PRO C 51 12.47 12.09 -23.55
C PRO C 51 12.22 13.58 -23.49
N GLU C 52 11.70 14.08 -22.35
CA GLU C 52 11.41 15.51 -22.24
C GLU C 52 12.70 16.30 -22.06
N LEU C 53 13.60 15.83 -21.21
CA LEU C 53 14.92 16.46 -21.09
C LEU C 53 15.66 16.42 -22.40
N ALA C 54 15.53 15.31 -23.13
CA ALA C 54 16.30 15.14 -24.36
C ALA C 54 15.93 16.14 -25.46
N LYS C 55 14.82 16.87 -25.34
CA LYS C 55 14.52 17.88 -26.35
C LYS C 55 15.45 19.09 -26.27
N ARG C 56 16.19 19.25 -25.17
CA ARG C 56 17.10 20.38 -25.00
C ARG C 56 18.40 20.02 -24.28
N PHE C 57 18.60 18.76 -23.90
CA PHE C 57 19.83 18.33 -23.25
C PHE C 57 20.28 17.00 -23.84
N THR C 58 21.58 16.75 -23.75
CA THR C 58 22.09 15.40 -23.83
C THR C 58 21.86 14.73 -22.48
N VAL C 59 21.06 13.66 -22.46
CA VAL C 59 20.72 12.98 -21.22
C VAL C 59 21.50 11.67 -21.16
N ILE C 60 22.15 11.40 -20.02
CA ILE C 60 22.75 10.08 -19.78
C ILE C 60 22.22 9.53 -18.46
N ALA C 61 21.81 8.26 -18.48
CA ALA C 61 21.26 7.61 -17.30
C ALA C 61 22.04 6.32 -17.07
N PRO C 62 23.03 6.32 -16.19
CA PRO C 62 23.78 5.10 -15.95
C PRO C 62 23.13 4.22 -14.89
N ASP C 63 23.43 2.92 -15.00
CA ASP C 63 23.19 1.98 -13.91
C ASP C 63 24.33 2.05 -12.90
N LEU C 64 23.98 2.17 -11.62
CA LEU C 64 25.00 2.19 -10.57
C LEU C 64 25.85 0.93 -10.60
N PRO C 65 27.13 1.03 -10.23
CA PRO C 65 28.00 -0.16 -10.26
C PRO C 65 27.39 -1.33 -9.48
N GLY C 66 27.35 -2.49 -10.12
CA GLY C 66 26.74 -3.67 -9.55
C GLY C 66 25.25 -3.82 -9.80
N LEU C 67 24.56 -2.72 -10.06
CA LEU C 67 23.11 -2.72 -10.26
C LEU C 67 22.79 -2.64 -11.75
N GLY C 68 21.57 -3.02 -12.09
CA GLY C 68 21.16 -2.99 -13.48
C GLY C 68 22.10 -3.86 -14.29
N GLN C 69 22.65 -3.27 -15.36
CA GLN C 69 23.59 -3.96 -16.23
C GLN C 69 25.04 -3.50 -16.03
N SER C 70 25.34 -2.77 -14.95
CA SER C 70 26.69 -2.29 -14.70
C SER C 70 27.47 -3.29 -13.87
N GLU C 71 28.77 -3.42 -14.17
CA GLU C 71 29.63 -4.27 -13.36
C GLU C 71 29.82 -3.67 -11.97
N PRO C 72 30.05 -4.49 -10.95
CA PRO C 72 30.31 -3.98 -9.61
C PRO C 72 31.62 -3.20 -9.55
N PRO C 73 31.79 -2.33 -8.56
CA PRO C 73 33.00 -1.52 -8.50
C PRO C 73 34.20 -2.36 -8.12
N LYS C 74 35.36 -1.97 -8.66
CA LYS C 74 36.61 -2.64 -8.30
C LYS C 74 37.21 -2.07 -7.02
N THR C 75 36.95 -0.80 -6.72
CA THR C 75 37.51 -0.19 -5.51
C THR C 75 36.65 -0.52 -4.30
N GLY C 76 35.43 0.01 -4.25
CA GLY C 76 34.54 -0.21 -3.13
C GLY C 76 33.23 0.50 -3.36
N TYR C 77 32.35 0.42 -2.37
CA TYR C 77 31.00 0.95 -2.46
C TYR C 77 30.77 2.20 -1.63
N SER C 78 31.83 2.80 -1.10
CA SER C 78 31.65 4.03 -0.36
C SER C 78 31.35 5.17 -1.31
N GLY C 79 30.68 6.20 -0.81
CA GLY C 79 30.31 7.30 -1.68
C GLY C 79 31.47 7.82 -2.50
N GLU C 80 32.64 7.97 -1.88
CA GLU C 80 33.78 8.56 -2.58
C GLU C 80 34.32 7.63 -3.65
N GLN C 81 34.26 6.32 -3.42
CA GLN C 81 34.77 5.39 -4.41
C GLN C 81 33.83 5.30 -5.61
N VAL C 82 32.52 5.30 -5.36
CA VAL C 82 31.57 5.22 -6.46
C VAL C 82 31.55 6.52 -7.25
N ALA C 83 31.60 7.65 -6.56
CA ALA C 83 31.51 8.95 -7.23
C ALA C 83 32.62 9.15 -8.26
N VAL C 84 33.78 8.51 -8.07
CA VAL C 84 34.83 8.60 -9.08
C VAL C 84 34.34 8.03 -10.40
N TYR C 85 33.71 6.86 -10.37
CA TYR C 85 33.23 6.25 -11.60
C TYR C 85 32.22 7.17 -12.29
N LEU C 86 31.26 7.69 -11.54
CA LEU C 86 30.22 8.51 -12.15
C LEU C 86 30.78 9.84 -12.67
N HIS C 87 31.73 10.45 -11.95
CA HIS C 87 32.35 11.67 -12.45
C HIS C 87 33.10 11.41 -13.75
N LYS C 88 33.91 10.35 -13.80
CA LYS C 88 34.67 10.08 -15.01
C LYS C 88 33.76 9.78 -16.19
N LEU C 89 32.70 8.99 -15.98
CA LEU C 89 31.74 8.72 -17.04
C LEU C 89 31.18 10.02 -17.60
N ALA C 90 30.68 10.89 -16.71
CA ALA C 90 30.10 12.16 -17.16
C ALA C 90 31.11 12.96 -17.96
N ARG C 91 32.34 13.09 -17.44
CA ARG C 91 33.34 13.91 -18.08
C ARG C 91 33.81 13.35 -19.41
N GLN C 92 33.62 12.06 -19.66
CA GLN C 92 33.93 11.54 -21.00
C GLN C 92 32.99 12.10 -22.05
N PHE C 93 31.72 12.33 -21.69
CA PHE C 93 30.74 12.88 -22.63
C PHE C 93 30.59 14.39 -22.54
N SER C 94 31.16 15.00 -21.50
CA SER C 94 31.19 16.46 -21.36
C SER C 94 32.57 16.87 -20.85
N PRO C 95 33.61 16.72 -21.66
CA PRO C 95 34.97 17.00 -21.16
C PRO C 95 35.27 18.48 -20.99
N ASP C 96 34.70 19.36 -21.81
CA ASP C 96 35.08 20.78 -21.76
C ASP C 96 33.97 21.68 -21.22
N ARG C 97 32.92 21.12 -20.62
CA ARG C 97 31.80 21.92 -20.17
C ARG C 97 31.26 21.35 -18.87
N PRO C 98 30.73 22.18 -17.99
CA PRO C 98 30.00 21.66 -16.83
C PRO C 98 28.78 20.87 -17.27
N PHE C 99 28.32 19.98 -16.40
CA PHE C 99 27.11 19.23 -16.66
C PHE C 99 26.15 19.37 -15.47
N ASP C 100 24.90 18.96 -15.70
CA ASP C 100 23.87 18.96 -14.67
C ASP C 100 23.71 17.55 -14.12
N LEU C 101 23.23 17.49 -12.88
CA LEU C 101 23.12 16.24 -12.14
C LEU C 101 21.76 16.16 -11.45
N VAL C 102 21.05 15.07 -11.66
CA VAL C 102 19.84 14.74 -10.93
C VAL C 102 20.07 13.39 -10.28
N ALA C 103 19.75 13.27 -8.99
CA ALA C 103 20.05 12.05 -8.27
C ALA C 103 18.96 11.75 -7.25
N HIS C 104 18.69 10.46 -7.08
CA HIS C 104 17.57 9.97 -6.27
C HIS C 104 18.10 8.91 -5.31
N ASP C 105 17.68 8.98 -4.04
CA ASP C 105 17.98 7.94 -3.05
C ASP C 105 19.50 7.79 -2.97
N ILE C 106 20.05 6.57 -3.09
CA ILE C 106 21.49 6.39 -2.88
C ILE C 106 22.33 6.94 -4.03
N GLY C 107 21.69 7.40 -5.11
CA GLY C 107 22.43 8.17 -6.10
C GLY C 107 22.98 9.46 -5.54
N ILE C 108 22.38 9.96 -4.47
CA ILE C 108 22.92 11.12 -3.77
C ILE C 108 24.21 10.74 -3.05
N TRP C 109 24.16 9.64 -2.31
CA TRP C 109 25.36 9.14 -1.63
C TRP C 109 26.51 9.02 -2.60
N ASN C 110 26.23 8.55 -3.81
CA ASN C 110 27.27 8.20 -4.76
C ASN C 110 27.66 9.34 -5.67
N THR C 111 27.09 10.54 -5.47
CA THR C 111 27.46 11.71 -6.27
C THR C 111 27.90 12.88 -5.43
N TYR C 112 27.46 13.00 -4.19
CA TYR C 112 27.83 14.16 -3.38
C TYR C 112 29.34 14.36 -3.30
N PRO C 113 30.18 13.32 -3.18
CA PRO C 113 31.63 13.61 -3.09
C PRO C 113 32.23 14.11 -4.38
N MET C 114 31.80 13.62 -5.53
CA MET C 114 32.34 14.18 -6.77
C MET C 114 31.81 15.59 -7.01
N VAL C 115 30.61 15.90 -6.50
CA VAL C 115 30.11 17.27 -6.61
C VAL C 115 30.98 18.23 -5.80
N VAL C 116 31.26 17.87 -4.55
CA VAL C 116 31.95 18.81 -3.67
C VAL C 116 33.44 18.91 -3.99
N LYS C 117 34.02 17.87 -4.62
CA LYS C 117 35.43 17.89 -5.03
C LYS C 117 35.66 18.40 -6.45
N ASN C 118 34.62 18.58 -7.25
CA ASN C 118 34.74 19.10 -8.62
C ASN C 118 33.58 20.06 -8.89
N GLN C 119 33.47 21.10 -8.05
CA GLN C 119 32.32 21.99 -8.14
C GLN C 119 32.23 22.70 -9.49
N ALA C 120 33.36 22.91 -10.16
CA ALA C 120 33.29 23.62 -11.44
C ALA C 120 32.69 22.76 -12.55
N ASP C 121 32.64 21.44 -12.38
CA ASP C 121 32.07 20.54 -13.38
C ASP C 121 30.56 20.37 -13.27
N ILE C 122 29.93 20.88 -12.21
CA ILE C 122 28.50 20.73 -11.96
C ILE C 122 27.83 22.09 -12.14
N ALA C 123 26.98 22.22 -13.16
CA ALA C 123 26.31 23.50 -13.38
C ALA C 123 25.11 23.66 -12.43
N ARG C 124 24.21 22.68 -12.41
CA ARG C 124 23.05 22.70 -11.52
C ARG C 124 22.85 21.31 -10.94
N LEU C 125 22.24 21.26 -9.77
CA LEU C 125 22.11 20.02 -8.99
C LEU C 125 20.67 19.84 -8.52
N VAL C 126 20.11 18.64 -8.74
CA VAL C 126 18.79 18.28 -8.22
C VAL C 126 18.94 16.99 -7.41
N TYR C 127 18.59 17.05 -6.13
CA TYR C 127 18.65 15.91 -5.21
C TYR C 127 17.27 15.59 -4.68
N MET C 128 16.87 14.32 -4.69
CA MET C 128 15.56 13.97 -4.20
C MET C 128 15.59 12.71 -3.36
N GLN C 129 14.91 12.78 -2.20
CA GLN C 129 14.52 11.62 -1.42
C GLN C 129 15.72 10.81 -0.93
N ALA C 130 16.65 11.49 -0.27
CA ALA C 130 17.64 10.80 0.56
C ALA C 130 18.43 11.79 1.40
N PRO C 131 18.83 11.41 2.61
CA PRO C 131 19.82 12.21 3.32
C PRO C 131 21.19 12.06 2.68
N ILE C 132 21.93 13.17 2.62
CA ILE C 132 23.38 13.00 2.45
C ILE C 132 23.91 12.26 3.67
N PRO C 133 24.77 11.25 3.50
CA PRO C 133 25.25 10.50 4.67
C PRO C 133 26.03 11.39 5.63
N ASP C 134 25.46 11.57 6.83
CA ASP C 134 26.15 12.26 7.91
C ASP C 134 25.53 11.82 9.23
N ALA C 135 25.95 12.46 10.33
CA ALA C 135 25.57 12.02 11.67
C ALA C 135 24.08 12.11 11.94
N ARG C 136 23.33 12.89 11.14
CA ARG C 136 21.89 12.97 11.35
C ARG C 136 21.21 11.62 11.25
N ILE C 137 21.72 10.73 10.39
CA ILE C 137 21.08 9.44 10.19
C ILE C 137 21.20 8.52 11.40
N TYR C 138 22.07 8.85 12.37
CA TYR C 138 22.18 8.11 13.63
C TYR C 138 21.06 8.46 14.60
N ARG C 139 20.19 9.39 14.25
CA ARG C 139 19.08 9.77 15.11
C ARG C 139 17.72 9.34 14.57
N PHE C 140 17.66 8.85 13.34
CA PHE C 140 16.40 8.36 12.76
C PHE C 140 15.83 7.27 13.66
N PRO C 141 14.53 7.30 13.98
CA PRO C 141 13.98 6.28 14.88
C PRO C 141 13.89 4.90 14.22
N ALA C 142 14.07 3.87 15.05
CA ALA C 142 13.86 2.49 14.64
C ALA C 142 12.39 2.10 14.56
N PHE C 143 11.52 2.81 15.27
CA PHE C 143 10.12 2.43 15.44
C PHE C 143 9.32 3.71 15.67
N THR C 144 8.12 3.79 15.11
CA THR C 144 7.31 5.00 15.24
C THR C 144 5.92 4.67 15.76
N ALA C 145 5.23 5.74 16.19
CA ALA C 145 3.86 5.66 16.66
C ALA C 145 2.92 5.08 15.61
N GLN C 146 3.28 5.17 14.32
CA GLN C 146 2.47 4.62 13.24
C GLN C 146 2.78 3.14 12.96
N GLY C 147 3.92 2.65 13.40
CA GLY C 147 4.37 1.32 13.03
C GLY C 147 5.80 1.32 12.56
N GLU C 148 6.15 0.43 11.63
CA GLU C 148 7.54 0.35 11.19
C GLU C 148 8.01 1.68 10.62
N SER C 149 9.23 2.07 10.99
CA SER C 149 9.80 3.28 10.44
C SER C 149 10.18 3.02 8.99
N LEU C 150 10.74 4.00 8.33
CA LEU C 150 11.07 3.79 6.94
C LEU C 150 12.55 3.58 6.73
N VAL C 151 13.35 3.65 7.80
CA VAL C 151 14.80 3.59 7.70
C VAL C 151 15.38 2.40 8.42
N TRP C 152 14.53 1.47 8.88
CA TRP C 152 15.10 0.29 9.51
C TRP C 152 15.89 -0.53 8.53
N HIS C 153 15.62 -0.37 7.23
CA HIS C 153 16.38 -1.11 6.22
C HIS C 153 17.86 -0.77 6.24
N PHE C 154 18.25 0.42 6.76
CA PHE C 154 19.66 0.72 6.97
C PHE C 154 20.36 -0.39 7.76
N SER C 155 19.79 -0.78 8.90
CA SER C 155 20.46 -1.80 9.73
C SER C 155 20.32 -3.17 9.09
N PHE C 156 19.16 -3.44 8.49
CA PHE C 156 18.92 -4.73 7.85
C PHE C 156 19.93 -4.97 6.74
N PHE C 157 20.11 -4.00 5.85
CA PHE C 157 20.98 -4.15 4.70
C PHE C 157 22.45 -4.13 5.11
N ALA C 158 22.78 -3.39 6.17
CA ALA C 158 24.17 -3.33 6.63
C ALA C 158 24.55 -4.52 7.52
N ALA C 159 23.60 -5.27 8.06
CA ALA C 159 23.93 -6.37 8.96
C ALA C 159 24.91 -7.34 8.29
N ASP C 160 25.84 -7.89 9.08
CA ASP C 160 26.87 -8.71 8.47
C ASP C 160 26.37 -10.16 8.36
N ASP C 161 27.30 -11.08 8.12
CA ASP C 161 26.98 -12.47 7.78
C ASP C 161 26.06 -12.59 6.56
N ARG C 162 26.06 -11.57 5.70
CA ARG C 162 25.18 -11.53 4.51
C ARG C 162 23.73 -11.81 4.89
N LEU C 163 23.30 -11.26 6.02
CA LEU C 163 21.94 -11.52 6.52
C LEU C 163 20.88 -11.21 5.45
N ALA C 164 20.95 -10.03 4.84
CA ALA C 164 19.90 -9.63 3.90
C ALA C 164 19.85 -10.52 2.67
N GLU C 165 21.02 -10.81 2.05
CA GLU C 165 21.06 -11.71 0.90
C GLU C 165 20.54 -13.09 1.24
N THR C 166 20.91 -13.61 2.41
CA THR C 166 20.51 -14.96 2.78
C THR C 166 19.00 -15.06 2.94
N LEU C 167 18.37 -14.02 3.50
CA LEU C 167 16.93 -14.10 3.74
C LEU C 167 16.13 -13.80 2.48
N ILE C 168 16.63 -12.93 1.61
CA ILE C 168 15.85 -12.44 0.47
C ILE C 168 16.03 -13.30 -0.79
N ALA C 169 17.15 -14.01 -0.92
CA ALA C 169 17.39 -14.86 -2.09
C ALA C 169 16.24 -15.87 -2.26
N GLY C 170 15.76 -16.02 -3.50
CA GLY C 170 14.57 -16.81 -3.77
C GLY C 170 13.27 -16.09 -3.45
N LYS C 171 13.31 -14.91 -2.81
CA LYS C 171 12.11 -14.16 -2.45
C LYS C 171 12.25 -12.68 -2.84
N GLU C 172 13.08 -12.40 -3.84
CA GLU C 172 13.37 -11.02 -4.22
C GLU C 172 12.14 -10.30 -4.75
N ARG C 173 11.29 -10.99 -5.50
CA ARG C 173 10.12 -10.33 -6.09
C ARG C 173 9.10 -10.00 -5.01
N PHE C 174 8.88 -10.91 -4.07
CA PHE C 174 8.06 -10.61 -2.89
C PHE C 174 8.62 -9.44 -2.11
N PHE C 175 9.94 -9.44 -1.83
CA PHE C 175 10.50 -8.41 -0.97
C PHE C 175 10.48 -7.05 -1.64
N LEU C 176 10.81 -7.00 -2.93
CA LEU C 176 10.83 -5.71 -3.63
C LEU C 176 9.46 -5.04 -3.62
N GLU C 177 8.40 -5.81 -3.90
CA GLU C 177 7.04 -5.25 -3.86
C GLU C 177 6.72 -4.68 -2.49
N HIS C 178 6.94 -5.48 -1.44
CA HIS C 178 6.67 -4.96 -0.09
C HIS C 178 7.46 -3.70 0.18
N PHE C 179 8.75 -3.70 -0.17
CA PHE C 179 9.63 -2.59 0.14
C PHE C 179 9.22 -1.34 -0.64
N ILE C 180 9.00 -1.47 -1.94
CA ILE C 180 8.59 -0.31 -2.74
C ILE C 180 7.27 0.24 -2.24
N LYS C 181 6.27 -0.63 -2.06
CA LYS C 181 4.93 -0.14 -1.73
C LYS C 181 4.86 0.45 -0.32
N SER C 182 5.58 -0.13 0.65
CA SER C 182 5.61 0.41 2.00
C SER C 182 6.29 1.77 2.07
N HIS C 183 7.08 2.12 1.05
CA HIS C 183 7.71 3.43 0.94
C HIS C 183 6.98 4.36 -0.03
N ALA C 184 5.73 4.03 -0.40
CA ALA C 184 5.01 4.80 -1.39
C ALA C 184 3.73 5.38 -0.80
N SER C 185 3.28 6.48 -1.38
CA SER C 185 1.95 6.99 -1.08
C SER C 185 0.94 6.65 -2.18
N ASN C 186 1.34 6.84 -3.45
CA ASN C 186 0.55 6.46 -4.61
C ASN C 186 1.01 5.07 -5.03
N THR C 187 0.50 4.04 -4.35
CA THR C 187 1.03 2.69 -4.56
C THR C 187 0.57 2.09 -5.89
N GLU C 188 -0.56 2.55 -6.44
CA GLU C 188 -1.18 1.89 -7.60
C GLU C 188 -0.31 1.95 -8.85
N VAL C 189 0.66 2.86 -8.91
CA VAL C 189 1.52 2.95 -10.09
C VAL C 189 2.46 1.76 -10.17
N PHE C 190 2.62 1.01 -9.08
CA PHE C 190 3.53 -0.14 -9.10
C PHE C 190 2.72 -1.38 -9.47
N SER C 191 2.41 -1.47 -10.76
CA SER C 191 1.73 -2.62 -11.31
C SER C 191 2.64 -3.83 -11.22
N GLU C 192 2.02 -5.02 -11.26
CA GLU C 192 2.80 -6.26 -11.22
C GLU C 192 3.81 -6.33 -12.36
N ARG C 193 3.44 -5.81 -13.53
CA ARG C 193 4.36 -5.86 -14.66
C ARG C 193 5.59 -4.99 -14.43
N LEU C 194 5.41 -3.80 -13.87
CA LEU C 194 6.57 -2.97 -13.59
C LEU C 194 7.40 -3.59 -12.47
N LEU C 195 6.75 -4.20 -11.48
CA LEU C 195 7.47 -4.81 -10.37
C LEU C 195 8.32 -5.99 -10.84
N ASP C 196 7.76 -6.81 -11.75
CA ASP C 196 8.54 -7.90 -12.34
C ASP C 196 9.81 -7.37 -13.00
N LEU C 197 9.71 -6.25 -13.73
CA LEU C 197 10.89 -5.70 -14.39
C LEU C 197 11.99 -5.37 -13.38
N TYR C 198 11.64 -4.64 -12.31
CA TYR C 198 12.66 -4.26 -11.35
C TYR C 198 13.18 -5.47 -10.57
N ALA C 199 12.29 -6.41 -10.22
CA ALA C 199 12.72 -7.58 -9.47
C ALA C 199 13.70 -8.44 -10.25
N ARG C 200 13.44 -8.66 -11.55
CA ARG C 200 14.33 -9.49 -12.35
C ARG C 200 15.75 -8.92 -12.41
N SER C 201 15.88 -7.60 -12.34
CA SER C 201 17.20 -6.97 -12.41
C SER C 201 17.95 -7.10 -11.11
N TYR C 202 17.33 -6.76 -9.98
CA TYR C 202 18.09 -6.78 -8.74
C TYR C 202 18.20 -8.19 -8.15
N ALA C 203 17.45 -9.16 -8.69
CA ALA C 203 17.57 -10.55 -8.30
C ALA C 203 18.83 -11.22 -8.83
N LYS C 204 19.58 -10.58 -9.73
CA LYS C 204 20.86 -11.14 -10.11
C LYS C 204 21.75 -11.21 -8.86
N PRO C 205 22.38 -12.35 -8.58
CA PRO C 205 23.15 -12.48 -7.31
C PRO C 205 24.11 -11.33 -7.06
N HIS C 206 24.93 -10.95 -8.06
CA HIS C 206 25.85 -9.84 -7.85
C HIS C 206 25.13 -8.52 -7.65
N SER C 207 23.91 -8.37 -8.19
CA SER C 207 23.16 -7.13 -8.02
C SER C 207 22.46 -7.08 -6.67
N LEU C 208 21.94 -8.21 -6.22
CA LEU C 208 21.40 -8.28 -4.86
C LEU C 208 22.47 -7.96 -3.84
N ASN C 209 23.66 -8.55 -4.00
CA ASN C 209 24.75 -8.27 -3.08
C ASN C 209 25.18 -6.82 -3.16
N ALA C 210 25.40 -6.32 -4.39
CA ALA C 210 25.80 -4.92 -4.56
C ALA C 210 24.82 -3.96 -3.90
N SER C 211 23.51 -4.22 -4.03
CA SER C 211 22.51 -3.37 -3.38
C SER C 211 22.83 -3.15 -1.91
N PHE C 212 23.19 -4.21 -1.20
CA PHE C 212 23.43 -4.10 0.23
C PHE C 212 24.81 -3.56 0.56
N GLU C 213 25.80 -3.79 -0.32
CA GLU C 213 27.14 -3.28 -0.06
C GLU C 213 27.16 -1.75 0.04
N TYR C 214 26.27 -1.07 -0.68
CA TYR C 214 26.16 0.38 -0.53
C TYR C 214 25.81 0.76 0.90
N TYR C 215 24.98 -0.04 1.56
CA TYR C 215 24.59 0.20 2.95
C TYR C 215 25.69 -0.23 3.92
N ARG C 216 26.43 -1.28 3.58
CA ARG C 216 27.56 -1.71 4.40
C ARG C 216 28.71 -0.71 4.39
N ALA C 217 28.78 0.17 3.39
CA ALA C 217 29.77 1.24 3.36
C ALA C 217 29.21 2.58 3.84
N LEU C 218 27.95 2.60 4.30
CA LEU C 218 27.32 3.85 4.73
C LEU C 218 28.10 4.55 5.84
N ASN C 219 28.52 3.80 6.88
CA ASN C 219 29.32 4.44 7.92
C ASN C 219 30.64 4.98 7.41
N GLU C 220 31.26 4.32 6.43
CA GLU C 220 32.44 4.93 5.83
C GLU C 220 32.07 6.19 5.05
N SER C 221 30.94 6.16 4.34
CA SER C 221 30.54 7.35 3.61
C SER C 221 30.27 8.51 4.55
N VAL C 222 29.78 8.22 5.76
CA VAL C 222 29.59 9.26 6.76
C VAL C 222 30.93 9.83 7.20
N ARG C 223 31.92 8.97 7.44
CA ARG C 223 33.24 9.50 7.83
C ARG C 223 33.88 10.26 6.69
N GLN C 224 33.71 9.80 5.45
CA GLN C 224 34.23 10.56 4.31
C GLN C 224 33.60 11.95 4.26
N ASN C 225 32.28 12.01 4.42
CA ASN C 225 31.56 13.25 4.24
C ASN C 225 31.82 14.25 5.36
N ALA C 226 32.22 13.77 6.54
CA ALA C 226 32.59 14.65 7.64
C ALA C 226 33.72 15.60 7.25
N GLU C 227 34.70 15.10 6.50
CA GLU C 227 35.79 15.96 6.02
C GLU C 227 35.37 16.80 4.82
N LEU C 228 34.66 16.19 3.85
CA LEU C 228 34.31 16.90 2.63
C LEU C 228 33.30 18.01 2.86
N ALA C 229 32.44 17.88 3.87
CA ALA C 229 31.42 18.90 4.09
C ALA C 229 32.00 20.23 4.55
N LYS C 230 33.27 20.28 4.95
CA LYS C 230 33.89 21.54 5.35
C LYS C 230 33.82 22.63 4.26
N THR C 231 33.44 22.27 3.04
CA THR C 231 33.23 23.23 1.95
C THR C 231 31.81 23.08 1.43
N ARG C 232 31.05 24.18 1.42
CA ARG C 232 29.67 24.12 0.95
C ARG C 232 29.58 24.17 -0.57
N LEU C 233 28.48 23.60 -1.09
CA LEU C 233 28.24 23.64 -2.53
C LEU C 233 27.83 25.04 -2.95
N GLN C 234 28.40 25.50 -4.06
CA GLN C 234 28.22 26.87 -4.51
C GLN C 234 27.29 27.01 -5.72
N MET C 235 26.93 25.89 -6.40
CA MET C 235 26.13 25.98 -7.60
C MET C 235 24.64 25.90 -7.27
N PRO C 236 23.76 26.30 -8.20
CA PRO C 236 22.32 26.23 -7.92
C PRO C 236 21.86 24.78 -7.77
N THR C 237 21.14 24.53 -6.68
CA THR C 237 20.62 23.20 -6.34
C THR C 237 19.13 23.28 -6.06
N MET C 238 18.43 22.18 -6.31
CA MET C 238 17.02 22.02 -5.96
C MET C 238 16.83 20.68 -5.27
N THR C 239 16.05 20.66 -4.19
CA THR C 239 15.68 19.40 -3.56
C THR C 239 14.22 19.10 -3.78
N LEU C 240 13.91 17.82 -3.98
CA LEU C 240 12.56 17.33 -4.05
C LEU C 240 12.37 16.24 -3.00
N ALA C 241 11.21 16.25 -2.35
CA ALA C 241 10.89 15.24 -1.35
C ALA C 241 9.39 15.02 -1.38
N GLY C 242 8.98 13.79 -1.10
CA GLY C 242 7.55 13.51 -0.98
C GLY C 242 6.97 14.00 0.33
N GLY C 243 5.69 14.40 0.28
CA GLY C 243 4.98 14.85 1.46
C GLY C 243 4.06 13.79 2.06
N GLY C 244 3.90 12.67 1.36
CA GLY C 244 3.01 11.61 1.79
C GLY C 244 3.77 10.45 2.42
N HIS C 245 3.08 9.32 2.54
CA HIS C 245 3.69 8.14 3.13
C HIS C 245 4.94 7.74 2.35
N GLY C 246 6.07 7.62 3.07
CA GLY C 246 7.36 7.34 2.45
C GLY C 246 8.18 8.56 2.09
N GLY C 247 7.61 9.76 2.20
CA GLY C 247 8.35 10.96 1.87
C GLY C 247 9.19 11.46 3.04
N MET C 248 10.27 12.17 2.68
CA MET C 248 11.14 12.77 3.68
C MET C 248 10.67 14.15 4.13
N GLY C 249 9.68 14.71 3.48
CA GLY C 249 9.09 15.95 3.98
C GLY C 249 10.12 17.07 4.01
N THR C 250 10.05 17.88 5.05
CA THR C 250 10.92 19.06 5.15
C THR C 250 12.37 18.71 5.45
N PHE C 251 12.68 17.45 5.76
CA PHE C 251 14.05 17.10 6.12
C PHE C 251 14.98 17.31 4.94
N GLN C 252 14.54 16.97 3.73
CA GLN C 252 15.41 17.08 2.55
C GLN C 252 15.99 18.49 2.42
N LEU C 253 15.13 19.52 2.44
CA LEU C 253 15.59 20.89 2.29
C LEU C 253 16.36 21.37 3.51
N GLU C 254 15.91 21.03 4.72
CA GLU C 254 16.58 21.52 5.91
C GLU C 254 18.00 20.98 6.02
N GLN C 255 18.23 19.70 5.69
CA GLN C 255 19.62 19.19 5.67
C GLN C 255 20.43 19.84 4.56
N MET C 256 19.84 19.99 3.37
CA MET C 256 20.57 20.55 2.23
C MET C 256 21.04 21.97 2.49
N LYS C 257 20.29 22.75 3.28
CA LYS C 257 20.71 24.13 3.55
C LYS C 257 22.02 24.16 4.33
N ALA C 258 22.32 23.10 5.08
CA ALA C 258 23.62 23.02 5.76
C ALA C 258 24.75 22.75 4.79
N TYR C 259 24.45 22.25 3.59
CA TYR C 259 25.43 21.89 2.58
C TYR C 259 25.55 22.87 1.43
N ALA C 260 24.48 23.60 1.10
CA ALA C 260 24.46 24.39 -0.13
C ALA C 260 24.12 25.83 0.18
N GLU C 261 24.74 26.75 -0.55
CA GLU C 261 24.49 28.18 -0.37
C GLU C 261 23.26 28.65 -1.14
N ASP C 262 22.94 27.97 -2.24
CA ASP C 262 21.89 28.39 -3.17
C ASP C 262 20.98 27.19 -3.37
N VAL C 263 19.89 27.10 -2.60
CA VAL C 263 19.06 25.91 -2.61
C VAL C 263 17.59 26.30 -2.50
N GLU C 264 16.76 25.73 -3.37
CA GLU C 264 15.32 25.81 -3.23
C GLU C 264 14.78 24.40 -3.08
N GLY C 265 13.73 24.26 -2.28
CA GLY C 265 13.16 22.97 -1.96
C GLY C 265 11.68 22.89 -2.29
N HIS C 266 11.25 21.71 -2.69
CA HIS C 266 9.83 21.43 -2.89
C HIS C 266 9.47 20.12 -2.20
N VAL C 267 8.33 20.13 -1.51
CA VAL C 267 7.68 18.93 -0.98
C VAL C 267 6.42 18.68 -1.80
N LEU C 268 6.27 17.47 -2.32
CA LEU C 268 5.16 17.18 -3.23
C LEU C 268 4.08 16.40 -2.49
N PRO C 269 2.89 16.97 -2.31
CA PRO C 269 1.86 16.30 -1.50
C PRO C 269 1.33 15.05 -2.18
N GLY C 270 0.88 14.09 -1.35
CA GLY C 270 0.35 12.84 -1.87
C GLY C 270 1.36 11.97 -2.61
N CYS C 271 2.66 12.16 -2.35
CA CYS C 271 3.75 11.48 -3.03
C CYS C 271 4.71 10.92 -1.99
N GLY C 272 5.12 9.66 -2.16
CA GLY C 272 6.04 9.06 -1.22
C GLY C 272 7.47 9.12 -1.69
N HIS C 273 8.16 7.98 -1.72
CA HIS C 273 9.58 7.97 -2.03
C HIS C 273 9.86 7.99 -3.54
N TRP C 274 8.98 7.37 -4.34
CA TRP C 274 9.28 7.05 -5.73
C TRP C 274 8.72 8.14 -6.64
N LEU C 275 9.25 9.34 -6.46
CA LEU C 275 8.69 10.53 -7.12
C LEU C 275 8.61 10.42 -8.64
N PRO C 276 9.59 9.89 -9.38
CA PRO C 276 9.41 9.82 -10.84
C PRO C 276 8.20 9.00 -11.26
N GLU C 277 7.87 7.95 -10.50
CA GLU C 277 6.74 7.11 -10.89
C GLU C 277 5.44 7.55 -10.22
N GLU C 278 5.50 7.92 -8.93
CA GLU C 278 4.32 8.26 -8.17
C GLU C 278 3.77 9.62 -8.56
N CYS C 279 4.64 10.56 -8.91
CA CYS C 279 4.21 11.93 -9.18
C CYS C 279 4.98 12.47 -10.38
N ALA C 280 4.81 11.78 -11.51
CA ALA C 280 5.57 12.07 -12.73
C ALA C 280 5.35 13.50 -13.22
N ALA C 281 4.09 13.93 -13.32
CA ALA C 281 3.85 15.24 -13.93
C ALA C 281 4.42 16.39 -13.10
N PRO C 282 4.13 16.53 -11.80
CA PRO C 282 4.75 17.65 -11.07
C PRO C 282 6.26 17.50 -10.94
N MET C 283 6.78 16.29 -10.72
CA MET C 283 8.24 16.13 -10.62
C MET C 283 8.94 16.47 -11.92
N ASN C 284 8.50 15.90 -13.04
CA ASN C 284 9.09 16.21 -14.34
C ASN C 284 9.08 17.70 -14.61
N ARG C 285 7.94 18.35 -14.36
CA ARG C 285 7.84 19.79 -14.58
C ARG C 285 8.85 20.55 -13.72
N LEU C 286 9.04 20.12 -12.47
CA LEU C 286 9.90 20.87 -11.58
C LEU C 286 11.35 20.75 -12.02
N VAL C 287 11.75 19.55 -12.46
CA VAL C 287 13.13 19.30 -12.88
C VAL C 287 13.43 20.03 -14.18
N ILE C 288 12.52 19.94 -15.15
CA ILE C 288 12.75 20.56 -16.45
C ILE C 288 12.79 22.07 -16.33
N ASP C 289 11.90 22.66 -15.51
CA ASP C 289 11.96 24.10 -15.33
C ASP C 289 13.25 24.51 -14.60
N PHE C 290 13.67 23.74 -13.59
CA PHE C 290 14.87 24.11 -12.86
C PHE C 290 16.10 24.05 -13.78
N LEU C 291 16.25 22.96 -14.54
CA LEU C 291 17.42 22.80 -15.38
C LEU C 291 17.38 23.73 -16.59
N SER C 292 16.19 24.13 -17.04
CA SER C 292 16.08 24.99 -18.21
C SER C 292 16.32 26.45 -17.90
N ARG C 293 16.54 26.80 -16.64
CA ARG C 293 17.02 28.14 -16.29
C ARG C 293 18.51 28.31 -16.54
N GLY C 294 19.18 27.29 -17.08
CA GLY C 294 20.61 27.34 -17.34
C GLY C 294 20.99 26.79 -18.69
N ALA D 1 7.18 -36.07 23.81
CA ALA D 1 7.45 -35.09 22.76
C ALA D 1 7.64 -33.71 23.37
N GLU D 2 8.58 -33.62 24.31
CA GLU D 2 8.96 -32.33 24.88
C GLU D 2 9.97 -31.65 23.97
N GLU D 3 9.80 -30.33 23.77
CA GLU D 3 10.73 -29.58 22.93
C GLU D 3 12.08 -29.34 23.61
N PHE D 4 12.12 -29.38 24.94
CA PHE D 4 13.28 -29.05 25.74
C PHE D 4 13.37 -30.00 26.93
N PRO D 5 14.58 -30.38 27.34
CA PRO D 5 14.71 -31.30 28.50
C PRO D 5 14.25 -30.64 29.79
N VAL D 6 13.47 -31.38 30.57
CA VAL D 6 12.90 -30.90 31.82
C VAL D 6 13.85 -31.27 32.96
N PRO D 7 14.20 -30.33 33.86
CA PRO D 7 15.11 -30.67 34.95
C PRO D 7 14.49 -31.59 35.99
N ASN D 8 15.36 -32.33 36.68
CA ASN D 8 14.91 -33.30 37.67
C ASN D 8 14.11 -32.64 38.77
N GLY D 9 13.02 -33.29 39.17
CA GLY D 9 12.11 -32.74 40.15
C GLY D 9 11.03 -31.83 39.61
N PHE D 10 11.03 -31.54 38.30
CA PHE D 10 10.03 -30.68 37.71
C PHE D 10 9.08 -31.47 36.82
N GLU D 11 7.91 -30.90 36.57
CA GLU D 11 6.87 -31.50 35.75
C GLU D 11 6.50 -30.54 34.62
N SER D 12 6.44 -31.05 33.40
CA SER D 12 5.84 -30.35 32.27
C SER D 12 4.35 -30.66 32.23
N ALA D 13 3.52 -29.62 32.19
CA ALA D 13 2.08 -29.82 32.27
C ALA D 13 1.37 -28.72 31.48
N TYR D 14 0.05 -28.83 31.43
CA TYR D 14 -0.80 -27.96 30.64
C TYR D 14 -1.99 -27.53 31.47
N ARG D 15 -2.60 -26.42 31.07
CA ARG D 15 -3.73 -25.88 31.81
C ARG D 15 -4.57 -25.02 30.88
N GLU D 16 -5.90 -25.20 30.93
CA GLU D 16 -6.79 -24.36 30.13
C GLU D 16 -7.02 -23.04 30.84
N VAL D 17 -6.70 -21.93 30.17
CA VAL D 17 -6.99 -20.59 30.66
C VAL D 17 -7.79 -19.87 29.58
N ASP D 18 -9.04 -19.55 29.87
CA ASP D 18 -9.94 -18.89 28.92
C ASP D 18 -9.90 -19.57 27.54
N GLY D 19 -10.10 -20.88 27.53
CA GLY D 19 -10.10 -21.62 26.27
C GLY D 19 -8.76 -21.76 25.58
N VAL D 20 -7.64 -21.47 26.25
CA VAL D 20 -6.31 -21.56 25.65
C VAL D 20 -5.48 -22.52 26.49
N LYS D 21 -4.91 -23.54 25.83
CA LYS D 21 -4.13 -24.56 26.53
C LYS D 21 -2.69 -24.05 26.66
N LEU D 22 -2.29 -23.70 27.87
CA LEU D 22 -0.95 -23.16 28.12
C LEU D 22 -0.02 -24.24 28.63
N HIS D 23 1.18 -24.28 28.07
CA HIS D 23 2.17 -25.21 28.59
C HIS D 23 3.02 -24.50 29.64
N TYR D 24 3.51 -25.29 30.59
CA TYR D 24 4.38 -24.75 31.63
C TYR D 24 5.16 -25.91 32.23
N VAL D 25 6.23 -25.55 32.94
CA VAL D 25 7.06 -26.50 33.68
C VAL D 25 7.05 -26.05 35.14
N LYS D 26 6.75 -26.97 36.04
CA LYS D 26 6.48 -26.60 37.43
C LYS D 26 7.29 -27.45 38.41
N GLY D 27 7.80 -26.81 39.45
CA GLY D 27 8.49 -27.52 40.52
C GLY D 27 8.62 -26.69 41.77
N GLY D 28 8.91 -27.39 42.87
CA GLY D 28 9.26 -26.75 44.12
C GLY D 28 8.10 -26.70 45.09
N GLN D 29 8.40 -26.16 46.27
CA GLN D 29 7.42 -25.98 47.34
C GLN D 29 7.56 -24.59 47.94
N GLY D 30 6.46 -24.06 48.45
CA GLY D 30 6.46 -22.75 49.07
C GLY D 30 5.69 -21.73 48.25
N PRO D 31 5.90 -20.45 48.53
CA PRO D 31 5.22 -19.40 47.76
C PRO D 31 5.63 -19.42 46.30
N LEU D 32 4.73 -18.98 45.44
CA LEU D 32 4.87 -19.14 44.00
C LEU D 32 5.70 -18.02 43.38
N VAL D 33 6.58 -18.39 42.46
CA VAL D 33 7.22 -17.42 41.57
C VAL D 33 7.01 -17.90 40.15
N MET D 34 6.53 -17.00 39.28
CA MET D 34 6.32 -17.28 37.87
C MET D 34 7.44 -16.60 37.10
N LEU D 35 8.04 -17.34 36.17
CA LEU D 35 9.15 -16.86 35.33
C LEU D 35 8.64 -16.79 33.90
N VAL D 36 8.75 -15.63 33.26
CA VAL D 36 8.15 -15.45 31.93
C VAL D 36 9.24 -15.11 30.92
N HIS D 37 9.45 -16.01 29.95
CA HIS D 37 10.49 -15.88 28.94
C HIS D 37 10.13 -14.79 27.91
N GLY D 38 11.02 -14.64 26.92
CA GLY D 38 10.89 -13.61 25.90
C GLY D 38 11.00 -14.13 24.48
N PHE D 39 11.23 -13.24 23.51
CA PHE D 39 11.32 -13.61 22.11
C PHE D 39 12.53 -14.48 21.81
N GLY D 40 12.32 -15.47 20.94
CA GLY D 40 13.35 -16.38 20.51
C GLY D 40 13.52 -17.59 21.40
N GLN D 41 12.82 -17.63 22.53
CA GLN D 41 13.10 -18.59 23.57
C GLN D 41 11.78 -19.13 24.08
N THR D 42 11.86 -19.98 25.10
CA THR D 42 10.70 -20.65 25.71
C THR D 42 10.96 -20.69 27.21
N TRP D 43 10.18 -21.52 27.92
CA TRP D 43 10.42 -21.69 29.35
C TRP D 43 11.86 -22.09 29.61
N TYR D 44 12.50 -22.76 28.65
CA TYR D 44 13.81 -23.36 28.86
C TYR D 44 14.89 -22.35 29.20
N GLU D 45 14.71 -21.05 28.89
CA GLU D 45 15.76 -20.11 29.23
C GLU D 45 15.95 -20.02 30.75
N TRP D 46 14.94 -20.41 31.53
CA TRP D 46 15.01 -20.41 32.98
C TRP D 46 15.50 -21.75 33.59
N HIS D 47 15.97 -22.70 32.78
CA HIS D 47 16.15 -24.03 33.36
C HIS D 47 17.35 -24.13 34.32
N GLN D 48 18.21 -23.12 34.37
CA GLN D 48 19.29 -23.10 35.35
C GLN D 48 18.88 -22.43 36.65
N LEU D 49 18.05 -21.38 36.55
CA LEU D 49 17.53 -20.74 37.75
C LEU D 49 16.52 -21.61 38.49
N MET D 50 15.73 -22.39 37.75
CA MET D 50 14.56 -23.04 38.35
C MET D 50 14.88 -24.01 39.48
N PRO D 51 15.91 -24.87 39.39
CA PRO D 51 16.18 -25.77 40.54
C PRO D 51 16.69 -25.03 41.78
N GLU D 52 17.45 -23.95 41.62
CA GLU D 52 17.88 -23.17 42.78
C GLU D 52 16.69 -22.49 43.44
N LEU D 53 15.84 -21.83 42.65
CA LEU D 53 14.64 -21.21 43.17
C LEU D 53 13.71 -22.23 43.82
N ALA D 54 13.66 -23.44 43.28
CA ALA D 54 12.75 -24.46 43.78
C ALA D 54 13.13 -24.94 45.16
N LYS D 55 14.32 -24.57 45.65
CA LYS D 55 14.73 -24.94 47.00
C LYS D 55 13.94 -24.18 48.05
N ARG D 56 13.45 -22.98 47.74
CA ARG D 56 12.67 -22.17 48.67
C ARG D 56 11.30 -21.73 48.12
N PHE D 57 11.01 -21.95 46.84
CA PHE D 57 9.77 -21.48 46.24
C PHE D 57 9.12 -22.57 45.39
N THR D 58 7.83 -22.40 45.14
CA THR D 58 7.15 -23.12 44.06
C THR D 58 7.39 -22.34 42.78
N VAL D 59 7.94 -23.01 41.76
CA VAL D 59 8.42 -22.34 40.56
C VAL D 59 7.57 -22.79 39.36
N ILE D 60 7.02 -21.82 38.63
CA ILE D 60 6.30 -22.11 37.40
C ILE D 60 6.86 -21.22 36.27
N ALA D 61 7.11 -21.84 35.12
CA ALA D 61 7.59 -21.14 33.92
C ALA D 61 6.70 -21.54 32.75
N PRO D 62 5.79 -20.67 32.33
CA PRO D 62 4.93 -20.98 31.18
C PRO D 62 5.58 -20.60 29.87
N ASP D 63 5.13 -21.27 28.82
CA ASP D 63 5.36 -20.80 27.45
C ASP D 63 4.35 -19.72 27.13
N LEU D 64 4.83 -18.58 26.61
CA LEU D 64 3.94 -17.53 26.16
C LEU D 64 2.96 -18.08 25.12
N PRO D 65 1.74 -17.55 25.07
CA PRO D 65 0.75 -18.05 24.11
C PRO D 65 1.33 -18.05 22.69
N GLY D 66 1.14 -19.18 22.00
CA GLY D 66 1.65 -19.34 20.65
C GLY D 66 3.10 -19.76 20.56
N LEU D 67 3.88 -19.60 21.63
CA LEU D 67 5.29 -19.98 21.63
C LEU D 67 5.49 -21.26 22.45
N GLY D 68 6.65 -21.87 22.27
CA GLY D 68 6.89 -23.16 22.89
C GLY D 68 5.79 -24.15 22.55
N GLN D 69 5.17 -24.72 23.58
CA GLN D 69 4.08 -25.67 23.41
C GLN D 69 2.73 -25.11 23.86
N SER D 70 2.61 -23.79 24.00
CA SER D 70 1.34 -23.15 24.35
C SER D 70 0.57 -22.77 23.08
N GLU D 71 -0.76 -22.87 23.16
CA GLU D 71 -1.62 -22.50 22.04
C GLU D 71 -1.66 -20.98 21.89
N PRO D 72 -1.92 -20.49 20.67
CA PRO D 72 -2.07 -19.04 20.46
C PRO D 72 -3.17 -18.45 21.33
N PRO D 73 -3.10 -17.16 21.61
CA PRO D 73 -4.21 -16.52 22.34
C PRO D 73 -5.43 -16.43 21.46
N LYS D 74 -6.60 -16.54 22.08
CA LYS D 74 -7.86 -16.40 21.36
C LYS D 74 -8.37 -14.96 21.36
N THR D 75 -7.82 -14.10 22.21
CA THR D 75 -8.22 -12.70 22.20
C THR D 75 -7.30 -11.86 21.32
N GLY D 76 -6.00 -11.95 21.54
CA GLY D 76 -5.04 -11.18 20.77
C GLY D 76 -3.71 -11.16 21.47
N TYR D 77 -2.79 -10.37 20.90
CA TYR D 77 -1.40 -10.37 21.32
C TYR D 77 -0.93 -9.09 22.00
N SER D 78 -1.82 -8.11 22.24
CA SER D 78 -1.42 -6.94 23.02
C SER D 78 -1.10 -7.33 24.48
N GLY D 79 -0.36 -6.46 25.15
CA GLY D 79 0.07 -6.77 26.51
C GLY D 79 -1.09 -7.03 27.44
N GLU D 80 -2.15 -6.21 27.35
CA GLU D 80 -3.29 -6.37 28.24
C GLU D 80 -4.00 -7.70 28.01
N GLN D 81 -4.11 -8.13 26.74
CA GLN D 81 -4.80 -9.39 26.47
C GLN D 81 -3.98 -10.59 26.95
N VAL D 82 -2.67 -10.58 26.68
CA VAL D 82 -1.86 -11.73 27.05
C VAL D 82 -1.72 -11.82 28.57
N ALA D 83 -1.58 -10.67 29.24
CA ALA D 83 -1.41 -10.67 30.69
C ALA D 83 -2.59 -11.34 31.40
N VAL D 84 -3.80 -11.27 30.82
CA VAL D 84 -4.94 -11.99 31.37
C VAL D 84 -4.62 -13.47 31.52
N TYR D 85 -4.06 -14.09 30.47
CA TYR D 85 -3.75 -15.52 30.54
C TYR D 85 -2.72 -15.81 31.61
N LEU D 86 -1.68 -14.98 31.68
CA LEU D 86 -0.59 -15.24 32.63
C LEU D 86 -1.05 -15.03 34.06
N HIS D 87 -1.94 -14.06 34.28
CA HIS D 87 -2.43 -13.77 35.62
C HIS D 87 -3.37 -14.87 36.11
N LYS D 88 -4.31 -15.29 35.27
CA LYS D 88 -5.21 -16.36 35.70
C LYS D 88 -4.46 -17.67 35.87
N LEU D 89 -3.42 -17.90 35.06
CA LEU D 89 -2.60 -19.10 35.25
C LEU D 89 -1.94 -19.08 36.62
N ALA D 90 -1.39 -17.92 37.01
CA ALA D 90 -0.75 -17.82 38.31
C ALA D 90 -1.74 -18.00 39.45
N ARG D 91 -2.96 -17.47 39.29
CA ARG D 91 -3.98 -17.55 40.34
C ARG D 91 -4.48 -18.98 40.54
N GLN D 92 -4.44 -19.83 39.50
CA GLN D 92 -4.77 -21.23 39.69
C GLN D 92 -3.85 -21.88 40.71
N PHE D 93 -2.59 -21.46 40.81
CA PHE D 93 -1.64 -22.06 41.72
C PHE D 93 -1.37 -21.26 42.99
N SER D 94 -1.73 -19.97 43.03
CA SER D 94 -1.56 -19.14 44.22
C SER D 94 -2.82 -18.31 44.44
N PRO D 95 -3.97 -18.95 44.66
CA PRO D 95 -5.21 -18.18 44.84
C PRO D 95 -5.30 -17.45 46.17
N ASP D 96 -4.52 -17.84 47.16
CA ASP D 96 -4.64 -17.34 48.52
C ASP D 96 -3.48 -16.45 48.96
N ARG D 97 -2.51 -16.20 48.10
CA ARG D 97 -1.29 -15.50 48.50
C ARG D 97 -0.74 -14.77 47.29
N PRO D 98 -0.16 -13.58 47.48
CA PRO D 98 0.55 -12.93 46.37
C PRO D 98 1.67 -13.82 45.87
N PHE D 99 1.95 -13.74 44.57
CA PHE D 99 3.06 -14.48 44.00
C PHE D 99 4.13 -13.51 43.51
N ASP D 100 5.33 -14.04 43.29
CA ASP D 100 6.44 -13.27 42.72
C ASP D 100 6.45 -13.45 41.20
N LEU D 101 7.04 -12.47 40.53
CA LEU D 101 7.07 -12.48 39.06
C LEU D 101 8.43 -12.05 38.55
N VAL D 102 9.03 -12.88 37.69
CA VAL D 102 10.28 -12.55 36.99
C VAL D 102 10.03 -12.60 35.50
N ALA D 103 10.38 -11.54 34.77
CA ALA D 103 10.15 -11.52 33.32
C ALA D 103 11.35 -10.97 32.56
N HIS D 104 11.51 -11.47 31.35
CA HIS D 104 12.61 -11.15 30.45
C HIS D 104 12.08 -10.80 29.07
N ASP D 105 12.52 -9.67 28.52
CA ASP D 105 12.23 -9.26 27.13
C ASP D 105 10.71 -9.05 27.03
N ILE D 106 10.02 -9.63 26.05
CA ILE D 106 8.60 -9.35 25.91
C ILE D 106 7.76 -9.92 27.05
N GLY D 107 8.34 -10.82 27.86
CA GLY D 107 7.69 -11.21 29.10
C GLY D 107 7.29 -10.02 29.94
N ILE D 108 8.06 -8.93 29.85
CA ILE D 108 7.66 -7.68 30.48
C ILE D 108 6.37 -7.15 29.86
N TRP D 109 6.35 -7.03 28.53
CA TRP D 109 5.19 -6.50 27.83
C TRP D 109 3.93 -7.25 28.19
N ASN D 110 4.05 -8.56 28.39
CA ASN D 110 2.92 -9.45 28.60
C ASN D 110 2.59 -9.65 30.07
N THR D 111 3.30 -8.97 30.98
CA THR D 111 2.99 -9.02 32.40
C THR D 111 2.67 -7.68 33.03
N TYR D 112 3.28 -6.59 32.55
CA TYR D 112 3.05 -5.30 33.20
C TYR D 112 1.58 -4.95 33.38
N PRO D 113 0.67 -5.14 32.40
CA PRO D 113 -0.73 -4.78 32.65
C PRO D 113 -1.36 -5.53 33.80
N MET D 114 -1.12 -6.85 33.94
CA MET D 114 -1.70 -7.53 35.09
C MET D 114 -1.02 -7.14 36.39
N VAL D 115 0.28 -6.84 36.35
CA VAL D 115 0.95 -6.36 37.55
C VAL D 115 0.30 -5.06 38.04
N VAL D 116 0.13 -4.09 37.14
CA VAL D 116 -0.36 -2.79 37.56
C VAL D 116 -1.84 -2.84 37.93
N LYS D 117 -2.61 -3.75 37.33
CA LYS D 117 -4.03 -3.82 37.66
C LYS D 117 -4.35 -4.79 38.78
N ASN D 118 -3.38 -5.57 39.28
CA ASN D 118 -3.64 -6.54 40.35
C ASN D 118 -2.49 -6.50 41.36
N GLN D 119 -2.22 -5.31 41.90
CA GLN D 119 -1.00 -5.11 42.68
C GLN D 119 -0.99 -5.93 43.96
N ALA D 120 -2.17 -6.13 44.58
CA ALA D 120 -2.26 -6.97 45.77
C ALA D 120 -1.82 -8.40 45.50
N ASP D 121 -1.96 -8.87 44.25
CA ASP D 121 -1.59 -10.24 43.89
C ASP D 121 -0.10 -10.41 43.62
N ILE D 122 0.70 -9.34 43.61
CA ILE D 122 2.12 -9.41 43.26
C ILE D 122 2.93 -9.06 44.50
N ALA D 123 3.73 -10.00 44.98
CA ALA D 123 4.56 -9.71 46.15
C ALA D 123 5.82 -8.96 45.75
N ARG D 124 6.62 -9.51 44.84
CA ARG D 124 7.83 -8.87 44.36
C ARG D 124 7.97 -9.10 42.85
N LEU D 125 8.72 -8.20 42.20
CA LEU D 125 8.79 -8.14 40.75
C LEU D 125 10.23 -8.02 40.29
N VAL D 126 10.66 -8.88 39.38
CA VAL D 126 11.94 -8.75 38.69
C VAL D 126 11.69 -8.60 37.20
N TYR D 127 12.12 -7.48 36.62
CA TYR D 127 12.06 -7.25 35.18
C TYR D 127 13.47 -7.11 34.63
N MET D 128 13.75 -7.74 33.49
CA MET D 128 15.09 -7.69 32.91
C MET D 128 15.04 -7.56 31.39
N GLN D 129 15.87 -6.66 30.85
CA GLN D 129 16.20 -6.55 29.43
C GLN D 129 14.94 -6.43 28.56
N ALA D 130 14.26 -5.30 28.72
CA ALA D 130 13.23 -4.82 27.80
C ALA D 130 12.64 -3.52 28.33
N PRO D 131 12.31 -2.57 27.47
CA PRO D 131 11.54 -1.41 27.93
C PRO D 131 10.09 -1.82 28.17
N ILE D 132 9.50 -1.25 29.22
CA ILE D 132 8.03 -1.25 29.23
C ILE D 132 7.54 -0.49 28.01
N PRO D 133 6.57 -1.02 27.22
CA PRO D 133 6.11 -0.29 26.04
C PRO D 133 5.57 1.06 26.40
N ASP D 134 6.25 2.11 25.95
CA ASP D 134 5.79 3.48 26.12
C ASP D 134 6.50 4.33 25.07
N ALA D 135 6.27 5.65 25.13
CA ALA D 135 6.77 6.55 24.10
C ALA D 135 8.29 6.52 23.97
N ARG D 136 9.00 6.00 24.98
CA ARG D 136 10.47 6.03 24.95
C ARG D 136 11.01 5.22 23.77
N ILE D 137 10.34 4.11 23.43
CA ILE D 137 10.85 3.26 22.37
C ILE D 137 10.85 3.98 21.03
N TYR D 138 10.09 5.07 20.90
CA TYR D 138 10.07 5.84 19.66
C TYR D 138 11.34 6.66 19.45
N ARG D 139 12.23 6.70 20.45
CA ARG D 139 13.49 7.42 20.36
C ARG D 139 14.66 6.52 20.00
N PHE D 140 14.49 5.21 20.04
CA PHE D 140 15.58 4.30 19.77
C PHE D 140 16.07 4.46 18.33
N PRO D 141 17.38 4.60 18.11
CA PRO D 141 17.88 4.85 16.75
C PRO D 141 17.81 3.60 15.87
N ALA D 142 17.48 3.83 14.59
CA ALA D 142 17.41 2.77 13.60
C ALA D 142 18.78 2.19 13.21
N PHE D 143 19.87 2.94 13.38
CA PHE D 143 21.17 2.60 12.80
C PHE D 143 22.23 3.35 13.58
N THR D 144 23.39 2.72 13.79
CA THR D 144 24.45 3.29 14.62
C THR D 144 25.72 3.48 13.80
N ALA D 145 26.60 4.36 14.30
CA ALA D 145 27.90 4.57 13.69
C ALA D 145 28.77 3.32 13.69
N GLN D 146 28.35 2.25 14.39
CA GLN D 146 29.00 0.95 14.41
C GLN D 146 28.29 -0.11 13.57
N GLY D 147 27.20 0.23 12.91
CA GLY D 147 26.45 -0.76 12.15
C GLY D 147 25.05 -1.00 12.67
N GLU D 148 24.54 -2.22 12.53
CA GLU D 148 23.13 -2.48 12.83
C GLU D 148 22.85 -2.20 14.30
N SER D 149 21.70 -1.58 14.55
CA SER D 149 21.27 -1.27 15.89
C SER D 149 20.68 -2.51 16.56
N LEU D 150 20.27 -2.37 17.81
CA LEU D 150 19.73 -3.48 18.57
C LEU D 150 18.21 -3.53 18.57
N VAL D 151 17.55 -2.63 17.84
CA VAL D 151 16.09 -2.54 17.94
C VAL D 151 15.42 -2.38 16.58
N TRP D 152 16.18 -2.55 15.50
CA TRP D 152 15.51 -2.50 14.20
C TRP D 152 14.56 -3.68 13.99
N HIS D 153 14.64 -4.71 14.86
CA HIS D 153 13.74 -5.85 14.78
C HIS D 153 12.31 -5.46 15.10
N PHE D 154 12.12 -4.41 15.92
CA PHE D 154 10.80 -3.87 16.19
C PHE D 154 10.05 -3.61 14.88
N SER D 155 10.71 -2.96 13.91
CA SER D 155 10.04 -2.61 12.66
C SER D 155 9.99 -3.81 11.72
N PHE D 156 11.08 -4.59 11.69
CA PHE D 156 11.08 -5.80 10.87
C PHE D 156 9.97 -6.75 11.29
N PHE D 157 9.84 -6.99 12.59
CA PHE D 157 8.83 -7.90 13.10
C PHE D 157 7.41 -7.30 13.01
N ALA D 158 7.25 -5.98 13.15
CA ALA D 158 5.93 -5.38 13.04
C ALA D 158 5.42 -5.21 11.61
N ALA D 159 6.30 -5.32 10.61
CA ALA D 159 5.89 -5.12 9.21
C ALA D 159 4.80 -6.10 8.80
N ASP D 160 3.89 -5.64 7.91
CA ASP D 160 2.79 -6.50 7.47
C ASP D 160 3.24 -7.40 6.30
N ASP D 161 2.28 -7.93 5.54
CA ASP D 161 2.57 -8.87 4.46
C ASP D 161 3.27 -10.14 4.98
N ARG D 162 3.18 -10.40 6.28
CA ARG D 162 3.93 -11.50 6.91
C ARG D 162 5.39 -11.46 6.48
N LEU D 163 5.96 -10.24 6.45
CA LEU D 163 7.30 -10.05 5.91
C LEU D 163 8.30 -10.93 6.61
N ALA D 164 8.32 -10.87 7.95
CA ALA D 164 9.31 -11.62 8.71
C ALA D 164 9.13 -13.12 8.50
N GLU D 165 7.91 -13.64 8.73
CA GLU D 165 7.63 -15.06 8.50
C GLU D 165 8.07 -15.50 7.11
N THR D 166 7.78 -14.69 6.09
CA THR D 166 8.09 -15.11 4.72
C THR D 166 9.60 -15.10 4.48
N LEU D 167 10.30 -14.07 4.95
CA LEU D 167 11.75 -14.03 4.77
C LEU D 167 12.46 -15.06 5.63
N ILE D 168 11.99 -15.31 6.84
CA ILE D 168 12.74 -16.18 7.77
C ILE D 168 12.42 -17.67 7.54
N ALA D 169 11.27 -18.00 6.94
CA ALA D 169 10.94 -19.40 6.71
C ALA D 169 11.98 -20.06 5.81
N GLY D 170 12.34 -21.31 6.16
CA GLY D 170 13.43 -22.01 5.53
C GLY D 170 14.81 -21.57 5.98
N LYS D 171 14.90 -20.57 6.86
CA LYS D 171 16.17 -20.06 7.38
C LYS D 171 16.04 -19.71 8.85
N GLU D 172 15.15 -20.40 9.56
CA GLU D 172 14.85 -20.04 10.94
C GLU D 172 16.06 -20.27 11.84
N ARG D 173 16.81 -21.35 11.58
CA ARG D 173 18.03 -21.58 12.33
C ARG D 173 19.09 -20.54 12.01
N PHE D 174 19.20 -20.15 10.73
CA PHE D 174 20.15 -19.12 10.34
C PHE D 174 19.83 -17.79 11.00
N PHE D 175 18.56 -17.37 10.94
CA PHE D 175 18.21 -16.06 11.47
C PHE D 175 18.34 -16.00 12.98
N LEU D 176 17.87 -17.04 13.67
CA LEU D 176 17.88 -17.00 15.14
C LEU D 176 19.31 -16.93 15.68
N GLU D 177 20.23 -17.67 15.07
CA GLU D 177 21.63 -17.61 15.50
C GLU D 177 22.18 -16.21 15.31
N HIS D 178 21.91 -15.59 14.16
CA HIS D 178 22.39 -14.22 13.95
C HIS D 178 21.75 -13.26 14.95
N PHE D 179 20.44 -13.41 15.18
CA PHE D 179 19.74 -12.51 16.09
C PHE D 179 20.23 -12.69 17.53
N ILE D 180 20.34 -13.94 17.98
CA ILE D 180 20.83 -14.19 19.33
C ILE D 180 22.22 -13.61 19.50
N LYS D 181 23.15 -13.95 18.59
CA LYS D 181 24.53 -13.54 18.79
C LYS D 181 24.74 -12.04 18.59
N SER D 182 23.92 -11.38 17.76
CA SER D 182 24.10 -9.95 17.60
C SER D 182 23.52 -9.15 18.76
N HIS D 183 22.75 -9.80 19.63
CA HIS D 183 22.29 -9.19 20.87
C HIS D 183 23.03 -9.74 22.07
N ALA D 184 24.14 -10.45 21.85
CA ALA D 184 24.90 -11.11 22.90
C ALA D 184 26.27 -10.45 23.13
N SER D 185 26.77 -10.62 24.34
CA SER D 185 28.15 -10.29 24.69
CA SER D 185 28.16 -10.28 24.65
C SER D 185 29.05 -11.51 24.62
N ASN D 186 28.63 -12.59 25.26
CA ASN D 186 29.35 -13.84 25.24
C ASN D 186 28.50 -14.81 24.43
N THR D 187 28.92 -15.04 23.18
CA THR D 187 28.20 -15.92 22.27
C THR D 187 28.53 -17.39 22.51
N GLU D 188 29.63 -17.70 23.22
CA GLU D 188 30.07 -19.07 23.36
C GLU D 188 29.12 -19.93 24.21
N VAL D 189 28.29 -19.31 25.06
CA VAL D 189 27.32 -20.07 25.85
C VAL D 189 26.25 -20.71 24.99
N PHE D 190 26.09 -20.29 23.72
CA PHE D 190 25.06 -20.82 22.82
C PHE D 190 25.68 -21.91 21.96
N SER D 191 25.66 -23.13 22.49
CA SER D 191 26.08 -24.30 21.73
C SER D 191 25.21 -24.46 20.48
N GLU D 192 25.68 -25.31 19.56
CA GLU D 192 24.85 -25.65 18.40
C GLU D 192 23.63 -26.46 18.82
N ARG D 193 23.73 -27.27 19.86
CA ARG D 193 22.57 -28.00 20.35
C ARG D 193 21.52 -27.05 20.91
N LEU D 194 21.95 -26.06 21.69
CA LEU D 194 21.01 -25.09 22.24
C LEU D 194 20.31 -24.31 21.12
N LEU D 195 21.08 -23.81 20.15
CA LEU D 195 20.49 -23.05 19.05
C LEU D 195 19.52 -23.91 18.25
N ASP D 196 19.84 -25.20 18.07
CA ASP D 196 18.94 -26.11 17.33
C ASP D 196 17.61 -26.26 18.05
N LEU D 197 17.65 -26.45 19.38
CA LEU D 197 16.43 -26.60 20.17
C LEU D 197 15.56 -25.35 20.07
N TYR D 198 16.15 -24.17 20.28
CA TYR D 198 15.41 -22.92 20.15
C TYR D 198 14.89 -22.72 18.73
N ALA D 199 15.68 -23.09 17.73
CA ALA D 199 15.28 -22.85 16.36
C ALA D 199 14.16 -23.79 15.93
N ARG D 200 14.22 -25.06 16.35
CA ARG D 200 13.14 -25.97 16.01
C ARG D 200 11.83 -25.57 16.67
N SER D 201 11.90 -24.98 17.87
CA SER D 201 10.67 -24.59 18.55
C SER D 201 9.99 -23.41 17.86
N TYR D 202 10.72 -22.32 17.64
CA TYR D 202 10.01 -21.15 17.10
C TYR D 202 9.73 -21.27 15.60
N ALA D 203 10.25 -22.31 14.95
CA ALA D 203 10.06 -22.51 13.52
C ALA D 203 8.72 -23.15 13.18
N LYS D 204 8.04 -23.74 14.16
CA LYS D 204 6.67 -24.19 13.92
C LYS D 204 5.87 -23.03 13.35
N PRO D 205 5.15 -23.22 12.23
CA PRO D 205 4.51 -22.07 11.55
C PRO D 205 3.69 -21.18 12.47
N HIS D 206 2.91 -21.74 13.39
CA HIS D 206 2.14 -20.88 14.28
C HIS D 206 3.03 -20.21 15.33
N SER D 207 4.17 -20.82 15.68
CA SER D 207 5.06 -20.18 16.63
C SER D 207 5.85 -19.06 15.97
N LEU D 208 6.32 -19.28 14.74
CA LEU D 208 6.98 -18.21 14.01
C LEU D 208 6.06 -17.00 13.85
N ASN D 209 4.79 -17.24 13.49
CA ASN D 209 3.84 -16.13 13.39
C ASN D 209 3.56 -15.52 14.75
N ALA D 210 3.36 -16.35 15.78
CA ALA D 210 3.09 -15.81 17.11
C ALA D 210 4.22 -14.87 17.57
N SER D 211 5.47 -15.26 17.29
CA SER D 211 6.64 -14.45 17.68
C SER D 211 6.50 -13.02 17.19
N PHE D 212 6.02 -12.83 15.96
CA PHE D 212 5.99 -11.51 15.38
C PHE D 212 4.68 -10.76 15.68
N GLU D 213 3.61 -11.50 15.99
CA GLU D 213 2.36 -10.85 16.35
C GLU D 213 2.48 -10.07 17.65
N TYR D 214 3.37 -10.50 18.55
CA TYR D 214 3.64 -9.66 19.71
C TYR D 214 4.11 -8.28 19.29
N TYR D 215 4.90 -8.20 18.21
CA TYR D 215 5.41 -6.90 17.77
C TYR D 215 4.38 -6.13 16.95
N ARG D 216 3.53 -6.84 16.20
CA ARG D 216 2.45 -6.18 15.50
C ARG D 216 1.43 -5.59 16.46
N ALA D 217 1.42 -6.02 17.72
CA ALA D 217 0.55 -5.43 18.73
C ALA D 217 1.28 -4.43 19.61
N LEU D 218 2.54 -4.09 19.28
CA LEU D 218 3.37 -3.29 20.18
C LEU D 218 2.79 -1.89 20.38
N ASN D 219 2.38 -1.22 19.30
CA ASN D 219 1.81 0.11 19.41
C ASN D 219 0.50 0.09 20.20
N GLU D 220 -0.33 -0.95 20.02
CA GLU D 220 -1.53 -1.06 20.83
C GLU D 220 -1.15 -1.18 22.30
N SER D 221 -0.10 -1.96 22.58
CA SER D 221 0.40 -2.07 23.95
C SER D 221 0.88 -0.72 24.48
N VAL D 222 1.61 0.06 23.66
CA VAL D 222 2.04 1.39 24.07
C VAL D 222 0.82 2.26 24.43
N ARG D 223 -0.24 2.18 23.62
CA ARG D 223 -1.43 2.97 23.92
C ARG D 223 -2.12 2.48 25.18
N GLN D 224 -2.28 1.16 25.33
CA GLN D 224 -2.85 0.60 26.57
C GLN D 224 -2.09 1.10 27.79
N ASN D 225 -0.75 1.08 27.72
CA ASN D 225 0.07 1.40 28.87
C ASN D 225 0.04 2.88 29.22
N ALA D 226 -0.30 3.76 28.27
CA ALA D 226 -0.41 5.18 28.56
C ALA D 226 -1.55 5.48 29.53
N GLU D 227 -2.57 4.62 29.56
CA GLU D 227 -3.62 4.76 30.56
C GLU D 227 -3.25 4.04 31.86
N LEU D 228 -2.75 2.80 31.74
CA LEU D 228 -2.39 2.04 32.94
C LEU D 228 -1.35 2.76 33.78
N ALA D 229 -0.40 3.47 33.14
CA ALA D 229 0.72 4.04 33.86
C ALA D 229 0.32 5.15 34.82
N LYS D 230 -0.93 5.61 34.78
CA LYS D 230 -1.37 6.64 35.71
C LYS D 230 -1.37 6.16 37.16
N THR D 231 -1.23 4.86 37.40
CA THR D 231 -1.10 4.29 38.75
C THR D 231 0.27 3.65 38.89
N ARG D 232 1.06 4.13 39.86
CA ARG D 232 2.42 3.66 40.09
C ARG D 232 2.45 2.29 40.75
N LEU D 233 3.50 1.51 40.41
CA LEU D 233 3.70 0.21 41.03
C LEU D 233 4.24 0.38 42.45
N GLN D 234 3.63 -0.33 43.41
CA GLN D 234 3.98 -0.15 44.80
C GLN D 234 4.80 -1.27 45.42
N MET D 235 4.90 -2.44 44.78
CA MET D 235 5.63 -3.55 45.39
C MET D 235 7.14 -3.41 45.17
N PRO D 236 7.95 -4.07 46.01
CA PRO D 236 9.41 -4.06 45.76
C PRO D 236 9.75 -4.65 44.39
N THR D 237 10.53 -3.89 43.63
CA THR D 237 10.92 -4.28 42.29
CA THR D 237 10.91 -4.23 42.26
C THR D 237 12.44 -4.21 42.13
N MET D 238 12.97 -5.14 41.35
CA MET D 238 14.36 -5.11 40.94
C MET D 238 14.44 -5.20 39.42
N THR D 239 15.32 -4.40 38.82
CA THR D 239 15.64 -4.50 37.41
C THR D 239 17.06 -5.03 37.25
N LEU D 240 17.27 -5.77 36.15
CA LEU D 240 18.57 -6.24 35.71
C LEU D 240 18.72 -5.94 34.23
N ALA D 241 19.96 -5.75 33.80
CA ALA D 241 20.27 -5.36 32.43
C ALA D 241 21.75 -5.59 32.20
N GLY D 242 22.09 -6.09 31.01
CA GLY D 242 23.49 -6.27 30.68
C GLY D 242 24.19 -4.95 30.44
N GLY D 243 25.50 -4.94 30.71
CA GLY D 243 26.34 -3.78 30.49
C GLY D 243 27.21 -3.87 29.26
N GLY D 244 27.19 -5.02 28.58
CA GLY D 244 27.97 -5.21 27.38
C GLY D 244 27.11 -5.12 26.14
N HIS D 245 27.71 -5.48 25.00
CA HIS D 245 26.99 -5.45 23.73
C HIS D 245 25.69 -6.22 23.83
N GLY D 246 24.59 -5.57 23.44
CA GLY D 246 23.26 -6.14 23.56
C GLY D 246 22.49 -5.73 24.79
N GLY D 247 23.18 -5.26 25.84
CA GLY D 247 22.51 -4.92 27.08
C GLY D 247 21.94 -3.51 27.06
N MET D 248 20.90 -3.32 27.86
CA MET D 248 20.19 -2.04 27.91
C MET D 248 20.85 -1.03 28.83
N GLY D 249 21.84 -1.44 29.62
CA GLY D 249 22.53 -0.50 30.48
C GLY D 249 21.59 0.18 31.45
N THR D 250 21.80 1.49 31.62
CA THR D 250 21.11 2.26 32.64
C THR D 250 19.64 2.53 32.31
N PHE D 251 19.22 2.35 31.04
CA PHE D 251 17.85 2.66 30.68
C PHE D 251 16.85 1.81 31.45
N GLN D 252 17.19 0.55 31.72
CA GLN D 252 16.26 -0.35 32.37
C GLN D 252 15.80 0.21 33.71
N LEU D 253 16.74 0.57 34.59
CA LEU D 253 16.35 1.13 35.88
C LEU D 253 15.78 2.54 35.74
N GLU D 254 16.36 3.35 34.85
CA GLU D 254 15.87 4.72 34.72
C GLU D 254 14.43 4.75 34.22
N GLN D 255 14.05 3.79 33.35
CA GLN D 255 12.65 3.71 32.97
C GLN D 255 11.78 3.29 34.14
N MET D 256 12.22 2.25 34.87
CA MET D 256 11.40 1.72 35.94
C MET D 256 11.15 2.75 37.03
N LYS D 257 12.10 3.66 37.24
CA LYS D 257 11.93 4.69 38.25
C LYS D 257 10.65 5.48 38.03
N ALA D 258 10.22 5.62 36.77
CA ALA D 258 9.00 6.33 36.46
C ALA D 258 7.75 5.49 36.67
N TYR D 259 7.89 4.17 36.80
CA TYR D 259 6.74 3.29 36.97
C TYR D 259 6.57 2.80 38.40
N ALA D 260 7.66 2.69 39.17
CA ALA D 260 7.66 2.00 40.44
C ALA D 260 8.18 2.91 41.55
N GLU D 261 7.56 2.81 42.72
CA GLU D 261 7.98 3.60 43.88
C GLU D 261 9.24 3.03 44.52
N ASP D 262 9.32 1.71 44.64
CA ASP D 262 10.36 1.02 45.41
C ASP D 262 11.09 0.07 44.46
N VAL D 263 12.19 0.56 43.89
CA VAL D 263 12.90 -0.16 42.83
C VAL D 263 14.40 -0.03 43.05
N GLU D 264 15.11 -1.12 42.78
CA GLU D 264 16.56 -1.16 42.73
C GLU D 264 16.95 -1.78 41.40
N GLY D 265 18.20 -1.55 40.98
CA GLY D 265 18.61 -2.05 39.68
C GLY D 265 20.08 -2.41 39.66
N HIS D 266 20.42 -3.29 38.72
CA HIS D 266 21.81 -3.68 38.53
C HIS D 266 22.13 -3.73 37.04
N VAL D 267 23.33 -3.32 36.71
CA VAL D 267 23.89 -3.46 35.37
C VAL D 267 25.03 -4.46 35.46
N LEU D 268 24.97 -5.52 34.65
CA LEU D 268 25.94 -6.60 34.71
C LEU D 268 27.00 -6.41 33.63
N PRO D 269 28.18 -5.86 33.94
CA PRO D 269 29.20 -5.71 32.89
C PRO D 269 29.58 -7.06 32.31
N GLY D 270 30.02 -7.05 31.06
CA GLY D 270 30.38 -8.27 30.37
C GLY D 270 29.23 -9.12 29.90
N CYS D 271 27.99 -8.64 30.03
CA CYS D 271 26.78 -9.37 29.70
C CYS D 271 25.93 -8.59 28.72
N GLY D 272 25.29 -9.29 27.80
CA GLY D 272 24.38 -8.65 26.87
C GLY D 272 22.91 -8.86 27.20
N HIS D 273 22.13 -9.31 26.23
CA HIS D 273 20.69 -9.38 26.41
C HIS D 273 20.21 -10.67 27.08
N TRP D 274 20.91 -11.78 26.86
CA TRP D 274 20.37 -13.08 27.24
C TRP D 274 20.84 -13.46 28.65
N LEU D 275 20.49 -12.60 29.61
CA LEU D 275 21.02 -12.71 30.97
C LEU D 275 20.92 -14.11 31.55
N PRO D 276 19.79 -14.82 31.47
CA PRO D 276 19.76 -16.18 32.05
C PRO D 276 20.81 -17.10 31.46
N GLU D 277 21.27 -16.86 30.23
CA GLU D 277 22.21 -17.75 29.58
C GLU D 277 23.63 -17.20 29.52
N GLU D 278 23.80 -15.89 29.30
CA GLU D 278 25.12 -15.32 29.24
C GLU D 278 25.73 -15.07 30.61
N CYS D 279 24.90 -14.86 31.63
CA CYS D 279 25.39 -14.47 32.95
C CYS D 279 24.54 -15.16 33.99
N ALA D 280 24.45 -16.49 33.84
CA ALA D 280 23.55 -17.32 34.62
C ALA D 280 23.82 -17.18 36.12
N ALA D 281 25.06 -17.41 36.55
CA ALA D 281 25.34 -17.42 37.98
C ALA D 281 25.09 -16.08 38.67
N PRO D 282 25.58 -14.93 38.17
CA PRO D 282 25.30 -13.68 38.89
C PRO D 282 23.85 -13.25 38.78
N MET D 283 23.21 -13.52 37.64
CA MET D 283 21.78 -13.24 37.52
C MET D 283 20.99 -14.08 38.51
N ASN D 284 21.21 -15.40 38.51
CA ASN D 284 20.55 -16.27 39.47
C ASN D 284 20.74 -15.76 40.90
N ARG D 285 21.98 -15.40 41.26
CA ARG D 285 22.25 -15.00 42.64
C ARG D 285 21.46 -13.75 43.02
N LEU D 286 21.45 -12.74 42.14
CA LEU D 286 20.75 -11.49 42.43
C LEU D 286 19.24 -11.70 42.51
N VAL D 287 18.68 -12.51 41.60
CA VAL D 287 17.26 -12.82 41.64
C VAL D 287 16.90 -13.52 42.94
N ILE D 288 17.60 -14.62 43.24
CA ILE D 288 17.27 -15.42 44.43
C ILE D 288 17.36 -14.58 45.69
N ASP D 289 18.44 -13.80 45.84
CA ASP D 289 18.57 -12.97 47.02
C ASP D 289 17.45 -11.94 47.11
N PHE D 290 17.09 -11.32 45.97
CA PHE D 290 16.01 -10.32 45.99
C PHE D 290 14.68 -10.94 46.43
N LEU D 291 14.34 -12.10 45.88
CA LEU D 291 13.09 -12.76 46.24
C LEU D 291 13.11 -13.34 47.65
N SER D 292 14.29 -13.74 48.13
CA SER D 292 14.40 -14.38 49.44
C SER D 292 14.41 -13.38 50.59
N ARG D 293 14.48 -12.09 50.32
CA ARG D 293 14.46 -11.10 51.41
C ARG D 293 13.13 -11.14 52.18
N GLY D 294 13.11 -11.86 53.30
CA GLY D 294 11.91 -12.02 54.10
C GLY D 294 11.30 -13.40 53.96
#